data_5HOI
#
_entry.id   5HOI
#
_cell.length_a   88.576
_cell.length_b   99.546
_cell.length_c   218.648
_cell.angle_alpha   90.00
_cell.angle_beta   90.00
_cell.angle_gamma   90.00
#
_symmetry.space_group_name_H-M   'P 2 21 21'
#
loop_
_entity.id
_entity.type
_entity.pdbx_description
1 polymer 'DNA polymerase alpha-binding protein'
2 polymer 'Topoisomerase 1-associated factor 2'
3 water water
#
loop_
_entity_poly.entity_id
_entity_poly.type
_entity_poly.pdbx_seq_one_letter_code
_entity_poly.pdbx_strand_id
1 'polypeptide(L)'
;MGSSHHHHHHSQDPENLYFQGTGKFRYMPFSPAGTPFGFTDRRYLTMNEVGYVSTVKNSEQYSITVSFFDVGRFREYHFE
DLFGYDLCFLNEKGTLFGQSKTGQIQYRPHDSIHSNWTKIIPLQAGERITSVAATPVRVIVGTSLGYFRSFNQFGVPFAV
EKTSPIVALTAQNYRVFSVHYSQFHGLSYSLSELGTSSKRYYKRECPLPMSLPNINSDMKKDANLDYYNFNPMGIKSLFF
SSYGDPCIFGSDNTLLLLSKWRSPEESKWLPILDSNMEIWKMSGGKETTDIHVWPLALAYDTLNCILVKGKHIWPEFPLP
LPSEMEIRMPVFVKSKLLEENKAILNKKNEIGADTEAEEGEEDKEIQIPVSMAAEEEYLRSKVLSELLTDTLENDGEMYG
NENEVLAALNGAYDKALLRLFASACSDQNVEKALSLAHELKQDRALTAAVKISERAELPSLVKKINNIREARYEQQLK
;
A,B,C
2 'polypeptide(L)' SHAKDVKIQETIRKLNRFKPT D,E,F
#
# COMPACT_ATOMS: atom_id res chain seq x y z
N PHE A 25 -2.99 19.33 -3.53
CA PHE A 25 -2.10 18.74 -4.53
C PHE A 25 -2.84 18.50 -5.85
N ARG A 26 -2.14 18.70 -6.96
CA ARG A 26 -2.72 18.61 -8.29
C ARG A 26 -2.17 17.36 -8.99
N TYR A 27 -3.07 16.46 -9.37
CA TYR A 27 -2.68 15.25 -10.07
C TYR A 27 -2.39 15.57 -11.54
N MET A 28 -1.32 14.98 -12.06
CA MET A 28 -0.92 15.24 -13.44
C MET A 28 -1.14 14.02 -14.31
N PRO A 29 -1.49 14.21 -15.58
CA PRO A 29 -1.66 13.07 -16.49
C PRO A 29 -0.35 12.34 -16.72
N PHE A 30 -0.34 11.04 -16.41
CA PHE A 30 0.86 10.23 -16.46
C PHE A 30 0.78 9.23 -17.61
N SER A 31 1.93 8.98 -18.22
CA SER A 31 2.11 7.95 -19.24
C SER A 31 3.54 7.47 -19.15
N PRO A 32 3.78 6.18 -19.40
CA PRO A 32 5.15 5.65 -19.27
C PRO A 32 6.13 6.39 -20.19
N ALA A 33 7.22 6.87 -19.59
CA ALA A 33 8.32 7.51 -20.32
C ALA A 33 7.88 8.73 -21.11
N GLY A 34 6.81 9.39 -20.67
CA GLY A 34 6.37 10.60 -21.33
C GLY A 34 7.27 11.78 -21.04
N THR A 35 7.40 12.66 -22.03
CA THR A 35 8.19 13.87 -21.95
C THR A 35 7.30 15.10 -22.00
N PRO A 36 7.74 16.22 -21.44
CA PRO A 36 6.96 17.46 -21.50
C PRO A 36 7.26 18.25 -22.78
N PHE A 37 6.40 19.24 -23.05
CA PHE A 37 6.63 20.12 -24.18
C PHE A 37 7.88 20.96 -24.00
N GLY A 38 8.09 21.50 -22.80
CA GLY A 38 9.21 22.40 -22.59
C GLY A 38 8.96 23.69 -23.34
N PHE A 39 9.96 24.13 -24.12
CA PHE A 39 9.83 25.30 -24.97
C PHE A 39 9.52 24.94 -26.41
N THR A 40 9.03 23.73 -26.65
CA THR A 40 8.71 23.28 -28.01
C THR A 40 7.20 23.08 -28.15
N ASP A 41 6.82 22.65 -29.35
CA ASP A 41 5.44 22.34 -29.68
C ASP A 41 5.22 20.85 -29.84
N ARG A 42 6.13 20.04 -29.30
CA ARG A 42 6.05 18.60 -29.47
C ARG A 42 6.68 17.91 -28.26
N ARG A 43 6.15 16.73 -27.95
CA ARG A 43 6.63 15.92 -26.85
C ARG A 43 6.33 14.46 -27.16
N TYR A 44 6.70 13.58 -26.24
CA TYR A 44 6.41 12.16 -26.37
C TYR A 44 5.29 11.79 -25.40
N LEU A 45 4.23 11.20 -25.93
CA LEU A 45 3.14 10.73 -25.07
C LEU A 45 3.58 9.54 -24.22
N THR A 46 3.90 8.43 -24.88
CA THR A 46 4.41 7.24 -24.21
C THR A 46 5.63 6.73 -24.97
N MET A 47 6.29 5.74 -24.37
CA MET A 47 7.54 5.22 -24.91
C MET A 47 7.96 3.94 -24.20
N ASN A 48 8.16 2.86 -24.96
CA ASN A 48 8.61 1.60 -24.36
C ASN A 48 9.39 0.79 -25.39
N GLU A 49 9.43 -0.54 -25.20
CA GLU A 49 10.22 -1.38 -26.09
C GLU A 49 9.58 -1.55 -27.47
N VAL A 50 8.28 -1.33 -27.58
CA VAL A 50 7.60 -1.50 -28.87
C VAL A 50 7.90 -0.35 -29.80
N GLY A 51 7.73 0.88 -29.33
CA GLY A 51 8.00 2.06 -30.14
C GLY A 51 7.89 3.35 -29.35
N TYR A 52 7.52 4.43 -30.01
CA TYR A 52 7.36 5.71 -29.34
C TYR A 52 6.23 6.49 -30.00
N VAL A 53 5.44 7.17 -29.18
CA VAL A 53 4.30 7.97 -29.63
C VAL A 53 4.58 9.42 -29.31
N SER A 54 4.63 10.26 -30.33
CA SER A 54 4.86 11.68 -30.18
C SER A 54 3.63 12.45 -30.63
N THR A 55 3.53 13.71 -30.18
CA THR A 55 2.44 14.59 -30.57
C THR A 55 3.01 15.98 -30.80
N VAL A 56 2.51 16.65 -31.84
CA VAL A 56 3.00 17.97 -32.25
C VAL A 56 1.83 18.94 -32.25
N LYS A 57 2.03 20.09 -31.60
CA LYS A 57 1.02 21.16 -31.63
C LYS A 57 0.87 21.67 -33.05
N ASN A 58 -0.35 21.59 -33.58
CA ASN A 58 -0.66 21.96 -34.96
C ASN A 58 -1.73 23.05 -34.93
N SER A 59 -1.29 24.31 -34.84
CA SER A 59 -2.17 25.47 -34.76
C SER A 59 -3.16 25.32 -33.60
N GLU A 60 -4.32 24.73 -33.87
CA GLU A 60 -5.33 24.51 -32.84
C GLU A 60 -5.54 23.04 -32.51
N GLN A 61 -4.98 22.12 -33.29
CA GLN A 61 -5.10 20.69 -33.07
C GLN A 61 -3.72 20.10 -32.79
N TYR A 62 -3.63 18.76 -32.84
CA TYR A 62 -2.39 18.04 -32.59
C TYR A 62 -2.19 16.99 -33.68
N SER A 63 -0.93 16.66 -33.93
CA SER A 63 -0.54 15.64 -34.90
C SER A 63 0.19 14.52 -34.15
N ILE A 64 -0.48 13.39 -33.98
CA ILE A 64 0.06 12.25 -33.25
C ILE A 64 0.77 11.32 -34.23
N THR A 65 1.96 10.87 -33.86
CA THR A 65 2.76 9.96 -34.67
C THR A 65 3.08 8.72 -33.84
N VAL A 66 2.74 7.55 -34.37
CA VAL A 66 3.00 6.27 -33.72
C VAL A 66 4.12 5.58 -34.48
N SER A 67 5.26 5.41 -33.83
CA SER A 67 6.43 4.80 -34.46
C SER A 67 6.79 3.49 -33.76
N PHE A 68 7.63 2.69 -34.43
CA PHE A 68 8.02 1.40 -33.92
C PHE A 68 9.52 1.21 -34.10
N PHE A 69 10.11 0.37 -33.25
CA PHE A 69 11.52 0.04 -33.36
C PHE A 69 11.75 -1.14 -34.30
N ASP A 70 10.89 -2.15 -34.23
CA ASP A 70 10.90 -3.26 -35.18
C ASP A 70 10.12 -2.81 -36.40
N VAL A 71 10.82 -2.12 -37.32
CA VAL A 71 10.15 -1.53 -38.48
C VAL A 71 9.58 -2.60 -39.40
N GLY A 72 10.14 -3.81 -39.35
CA GLY A 72 9.64 -4.88 -40.21
C GLY A 72 8.23 -5.31 -39.85
N ARG A 73 7.92 -5.38 -38.57
CA ARG A 73 6.60 -5.85 -38.13
C ARG A 73 5.51 -4.84 -38.43
N PHE A 74 5.55 -3.69 -37.79
CA PHE A 74 4.49 -2.70 -37.87
C PHE A 74 4.92 -1.52 -38.71
N ARG A 75 3.94 -0.83 -39.28
CA ARG A 75 4.17 0.32 -40.15
C ARG A 75 3.90 1.60 -39.37
N GLU A 76 4.88 2.51 -39.38
CA GLU A 76 4.70 3.79 -38.73
C GLU A 76 3.61 4.59 -39.45
N TYR A 77 2.70 5.17 -38.67
CA TYR A 77 1.59 5.95 -39.19
C TYR A 77 1.40 7.20 -38.34
N HIS A 78 0.47 8.05 -38.76
CA HIS A 78 0.17 9.28 -38.05
C HIS A 78 -1.23 9.73 -38.40
N PHE A 79 -1.89 10.39 -37.45
CA PHE A 79 -3.24 10.90 -37.65
C PHE A 79 -3.36 12.23 -36.94
N GLU A 80 -4.50 12.90 -37.18
CA GLU A 80 -4.74 14.23 -36.63
C GLU A 80 -5.61 14.12 -35.39
N ASP A 81 -5.14 14.73 -34.30
CA ASP A 81 -5.80 14.67 -33.00
C ASP A 81 -6.64 15.94 -32.82
N LEU A 82 -7.96 15.77 -32.87
CA LEU A 82 -8.89 16.88 -32.68
C LEU A 82 -9.31 17.04 -31.23
N PHE A 83 -8.76 16.25 -30.31
CA PHE A 83 -9.16 16.27 -28.92
C PHE A 83 -8.07 16.71 -27.97
N GLY A 84 -6.80 16.48 -28.33
CA GLY A 84 -5.69 16.87 -27.47
C GLY A 84 -5.32 15.79 -26.48
N TYR A 85 -5.07 14.58 -26.98
CA TYR A 85 -4.72 13.47 -26.11
C TYR A 85 -3.41 13.75 -25.38
N ASP A 86 -3.44 13.62 -24.06
CA ASP A 86 -2.25 13.76 -23.22
C ASP A 86 -1.95 12.48 -22.44
N LEU A 87 -2.69 11.41 -22.70
CA LEU A 87 -2.48 10.12 -22.06
C LEU A 87 -2.35 9.06 -23.14
N CYS A 88 -1.36 8.18 -22.98
CA CYS A 88 -1.13 7.17 -23.99
C CYS A 88 -0.44 5.97 -23.37
N PHE A 89 -0.69 4.80 -23.96
CA PHE A 89 -0.04 3.55 -23.58
C PHE A 89 0.04 2.68 -24.82
N LEU A 90 1.18 2.02 -25.00
CA LEU A 90 1.47 1.26 -26.21
C LEU A 90 1.78 -0.19 -25.87
N ASN A 91 1.16 -1.11 -26.60
CA ASN A 91 1.48 -2.52 -26.54
C ASN A 91 1.70 -3.04 -27.96
N GLU A 92 1.99 -4.34 -28.07
CA GLU A 92 2.33 -4.94 -29.35
C GLU A 92 1.15 -5.11 -30.28
N LYS A 93 -0.08 -4.93 -29.80
CA LYS A 93 -1.27 -5.15 -30.60
C LYS A 93 -2.05 -3.89 -30.90
N GLY A 94 -1.83 -2.80 -30.15
CA GLY A 94 -2.58 -1.59 -30.38
C GLY A 94 -2.02 -0.45 -29.56
N THR A 95 -2.64 0.72 -29.74
CA THR A 95 -2.27 1.93 -29.02
C THR A 95 -3.50 2.51 -28.36
N LEU A 96 -3.38 2.90 -27.09
CA LEU A 96 -4.48 3.49 -26.35
C LEU A 96 -4.19 4.96 -26.09
N PHE A 97 -5.17 5.82 -26.38
CA PHE A 97 -5.07 7.26 -26.16
C PHE A 97 -6.14 7.70 -25.19
N GLY A 98 -5.89 8.83 -24.52
CA GLY A 98 -6.81 9.35 -23.53
C GLY A 98 -6.65 10.84 -23.35
N GLN A 99 -7.77 11.50 -23.03
CA GLN A 99 -7.79 12.92 -22.71
C GLN A 99 -8.06 13.07 -21.21
N SER A 100 -7.16 13.74 -20.51
CA SER A 100 -7.27 13.82 -19.05
C SER A 100 -8.46 14.66 -18.62
N LYS A 101 -8.89 15.63 -19.42
CA LYS A 101 -9.92 16.57 -19.02
C LYS A 101 -11.31 16.16 -19.51
N THR A 102 -11.46 15.90 -20.81
CA THR A 102 -12.78 15.53 -21.32
C THR A 102 -13.15 14.09 -21.00
N GLY A 103 -12.16 13.24 -20.76
CA GLY A 103 -12.44 11.84 -20.45
C GLY A 103 -12.67 10.95 -21.65
N GLN A 104 -12.18 11.33 -22.82
CA GLN A 104 -12.37 10.54 -24.04
C GLN A 104 -11.14 9.68 -24.30
N ILE A 105 -11.37 8.41 -24.57
CA ILE A 105 -10.30 7.46 -24.89
C ILE A 105 -10.55 6.86 -26.26
N GLN A 106 -9.47 6.43 -26.91
CA GLN A 106 -9.55 5.80 -28.22
C GLN A 106 -8.47 4.73 -28.33
N TYR A 107 -8.87 3.53 -28.73
CA TYR A 107 -7.95 2.41 -28.92
C TYR A 107 -7.79 2.16 -30.41
N ARG A 108 -6.56 2.29 -30.91
N ARG A 108 -6.57 2.33 -30.92
CA ARG A 108 -6.26 2.09 -32.33
CA ARG A 108 -6.27 2.09 -32.33
C ARG A 108 -5.40 0.85 -32.50
C ARG A 108 -5.42 0.84 -32.46
N PRO A 109 -5.96 -0.27 -32.94
CA PRO A 109 -5.15 -1.46 -33.18
C PRO A 109 -4.14 -1.21 -34.30
N HIS A 110 -2.96 -1.83 -34.16
CA HIS A 110 -1.93 -1.67 -35.18
C HIS A 110 -2.39 -2.22 -36.52
N ASP A 111 -3.00 -3.39 -36.53
CA ASP A 111 -3.50 -3.97 -37.76
C ASP A 111 -4.78 -3.28 -38.19
N SER A 112 -5.01 -3.24 -39.51
CA SER A 112 -6.23 -2.62 -40.02
C SER A 112 -7.42 -3.56 -39.99
N ILE A 113 -7.20 -4.82 -39.62
CA ILE A 113 -8.29 -5.79 -39.51
C ILE A 113 -9.28 -5.36 -38.43
N HIS A 114 -8.77 -4.91 -37.29
CA HIS A 114 -9.60 -4.57 -36.15
C HIS A 114 -9.92 -3.08 -36.18
N SER A 115 -11.16 -2.73 -35.85
CA SER A 115 -11.61 -1.36 -35.92
C SER A 115 -11.21 -0.56 -34.69
N ASN A 116 -11.06 0.75 -34.87
CA ASN A 116 -10.85 1.66 -33.76
C ASN A 116 -12.18 1.92 -33.06
N TRP A 117 -12.15 1.99 -31.73
CA TRP A 117 -13.33 2.32 -30.95
C TRP A 117 -13.03 3.47 -30.01
N THR A 118 -14.08 4.21 -29.66
CA THR A 118 -13.95 5.41 -28.84
C THR A 118 -15.04 5.44 -27.79
N LYS A 119 -14.66 5.63 -26.54
CA LYS A 119 -15.59 5.82 -25.43
C LYS A 119 -15.26 7.11 -24.70
N ILE A 120 -16.21 7.56 -23.89
CA ILE A 120 -16.04 8.75 -23.05
C ILE A 120 -16.23 8.34 -21.60
N ILE A 121 -15.19 8.53 -20.80
CA ILE A 121 -15.23 8.14 -19.38
C ILE A 121 -15.98 9.22 -18.59
N PRO A 122 -16.96 8.84 -17.78
CA PRO A 122 -17.63 9.83 -16.92
C PRO A 122 -16.66 10.40 -15.89
N LEU A 123 -16.63 11.73 -15.79
CA LEU A 123 -15.77 12.43 -14.85
C LEU A 123 -16.61 13.39 -14.02
N GLN A 124 -16.43 13.35 -12.70
CA GLN A 124 -17.15 14.24 -11.81
C GLN A 124 -16.46 15.60 -11.76
N ALA A 125 -16.87 16.45 -10.82
CA ALA A 125 -16.31 17.78 -10.68
C ALA A 125 -14.84 17.70 -10.27
N GLY A 126 -13.95 18.17 -11.14
CA GLY A 126 -12.53 18.15 -10.87
C GLY A 126 -11.87 16.81 -11.04
N GLU A 127 -12.61 15.78 -11.44
CA GLU A 127 -12.03 14.46 -11.67
C GLU A 127 -11.28 14.43 -12.99
N ARG A 128 -10.02 14.02 -12.95
CA ARG A 128 -9.17 13.91 -14.13
C ARG A 128 -8.74 12.46 -14.31
N ILE A 129 -8.61 12.04 -15.57
CA ILE A 129 -7.96 10.77 -15.87
C ILE A 129 -6.46 10.95 -15.71
N THR A 130 -5.85 10.15 -14.83
CA THR A 130 -4.44 10.31 -14.52
C THR A 130 -3.52 9.34 -15.25
N SER A 131 -4.03 8.17 -15.61
CA SER A 131 -3.19 7.17 -16.29
C SER A 131 -4.09 6.17 -17.00
N VAL A 132 -3.61 5.67 -18.14
CA VAL A 132 -4.30 4.63 -18.89
C VAL A 132 -3.30 3.54 -19.24
N ALA A 133 -3.81 2.33 -19.43
CA ALA A 133 -3.00 1.18 -19.79
C ALA A 133 -3.84 0.23 -20.63
N ALA A 134 -3.17 -0.55 -21.47
CA ALA A 134 -3.87 -1.47 -22.35
C ALA A 134 -2.99 -2.68 -22.65
N THR A 135 -3.62 -3.85 -22.65
CA THR A 135 -3.01 -5.10 -23.09
C THR A 135 -3.82 -5.61 -24.27
N PRO A 136 -3.41 -6.70 -24.94
CA PRO A 136 -4.26 -7.28 -25.99
C PRO A 136 -5.64 -7.71 -25.52
N VAL A 137 -5.89 -7.79 -24.21
CA VAL A 137 -7.15 -8.35 -23.71
C VAL A 137 -7.84 -7.39 -22.74
N ARG A 138 -7.14 -6.34 -22.30
CA ARG A 138 -7.70 -5.44 -21.30
C ARG A 138 -7.36 -3.99 -21.64
N VAL A 139 -8.24 -3.09 -21.21
CA VAL A 139 -8.04 -1.64 -21.30
C VAL A 139 -8.35 -1.06 -19.94
N ILE A 140 -7.42 -0.28 -19.39
CA ILE A 140 -7.53 0.23 -18.03
C ILE A 140 -7.50 1.76 -18.07
N VAL A 141 -8.39 2.37 -17.29
CA VAL A 141 -8.44 3.82 -17.12
C VAL A 141 -8.50 4.12 -15.63
N GLY A 142 -7.61 5.00 -15.17
CA GLY A 142 -7.57 5.40 -13.76
C GLY A 142 -7.76 6.89 -13.63
N THR A 143 -8.54 7.30 -12.62
CA THR A 143 -8.87 8.70 -12.40
C THR A 143 -8.20 9.21 -11.14
N SER A 144 -8.36 10.51 -10.90
CA SER A 144 -7.80 11.16 -9.71
C SER A 144 -8.67 10.97 -8.48
N LEU A 145 -9.92 10.52 -8.64
CA LEU A 145 -10.77 10.20 -7.52
C LEU A 145 -10.70 8.73 -7.12
N GLY A 146 -9.93 7.93 -7.85
CA GLY A 146 -9.80 6.52 -7.55
C GLY A 146 -10.73 5.59 -8.29
N TYR A 147 -11.22 5.98 -9.46
CA TYR A 147 -12.09 5.12 -10.26
C TYR A 147 -11.25 4.24 -11.17
N PHE A 148 -11.52 2.94 -11.12
CA PHE A 148 -10.78 1.91 -11.86
C PHE A 148 -11.73 1.28 -12.87
N ARG A 149 -11.76 1.81 -14.09
CA ARG A 149 -12.66 1.34 -15.13
C ARG A 149 -11.88 0.43 -16.08
N SER A 150 -12.37 -0.80 -16.25
CA SER A 150 -11.71 -1.81 -17.07
C SER A 150 -12.64 -2.25 -18.19
N PHE A 151 -12.03 -2.55 -19.34
CA PHE A 151 -12.75 -2.99 -20.53
C PHE A 151 -11.94 -4.09 -21.20
N ASN A 152 -12.58 -4.78 -22.15
CA ASN A 152 -11.84 -5.69 -23.01
C ASN A 152 -11.26 -4.90 -24.18
N GLN A 153 -10.52 -5.60 -25.05
CA GLN A 153 -9.86 -4.92 -26.16
C GLN A 153 -10.83 -4.33 -27.17
N PHE A 154 -12.15 -4.40 -26.92
CA PHE A 154 -13.15 -3.88 -27.84
C PHE A 154 -14.01 -2.78 -27.24
N GLY A 155 -13.89 -2.51 -25.94
CA GLY A 155 -14.64 -1.47 -25.29
C GLY A 155 -15.80 -1.93 -24.44
N VAL A 156 -15.95 -3.24 -24.23
CA VAL A 156 -17.00 -3.78 -23.38
C VAL A 156 -16.58 -3.65 -21.92
N PRO A 157 -17.30 -2.88 -21.10
CA PRO A 157 -16.89 -2.70 -19.71
C PRO A 157 -17.12 -3.96 -18.90
N PHE A 158 -16.21 -4.22 -17.96
CA PHE A 158 -16.33 -5.35 -17.05
C PHE A 158 -16.89 -4.97 -15.68
N ALA A 159 -16.26 -4.01 -15.00
CA ALA A 159 -16.78 -3.52 -13.72
C ALA A 159 -16.07 -2.22 -13.38
N VAL A 160 -16.81 -1.33 -12.73
CA VAL A 160 -16.28 -0.05 -12.25
C VAL A 160 -15.95 -0.19 -10.77
N GLU A 161 -14.72 0.12 -10.39
CA GLU A 161 -14.25 -0.05 -9.03
C GLU A 161 -13.75 1.29 -8.47
N LYS A 162 -13.92 1.47 -7.17
CA LYS A 162 -13.47 2.66 -6.46
C LYS A 162 -12.29 2.29 -5.57
N THR A 163 -11.13 2.87 -5.84
CA THR A 163 -9.94 2.63 -5.04
C THR A 163 -9.37 3.97 -4.59
N SER A 164 -8.13 3.96 -4.11
CA SER A 164 -7.43 5.19 -3.80
C SER A 164 -7.10 5.93 -5.09
N PRO A 165 -6.91 7.26 -5.01
CA PRO A 165 -6.51 8.02 -6.20
C PRO A 165 -5.32 7.39 -6.91
N ILE A 166 -5.50 7.12 -8.21
CA ILE A 166 -4.49 6.46 -9.03
C ILE A 166 -3.61 7.52 -9.68
N VAL A 167 -2.30 7.29 -9.69
CA VAL A 167 -1.37 8.20 -10.35
C VAL A 167 -0.62 7.55 -11.50
N ALA A 168 -0.51 6.23 -11.54
CA ALA A 168 0.23 5.55 -12.60
C ALA A 168 -0.33 4.16 -12.80
N LEU A 169 -0.42 3.74 -14.06
CA LEU A 169 -0.96 2.43 -14.40
C LEU A 169 -0.12 1.79 -15.48
N THR A 170 0.15 0.49 -15.31
CA THR A 170 0.71 -0.34 -16.36
C THR A 170 0.10 -1.74 -16.23
N ALA A 171 0.11 -2.48 -17.33
CA ALA A 171 -0.52 -3.78 -17.34
C ALA A 171 0.21 -4.72 -18.28
N GLN A 172 -0.01 -6.01 -18.07
CA GLN A 172 0.60 -7.05 -18.88
C GLN A 172 -0.35 -8.24 -18.91
N ASN A 173 -0.84 -8.59 -20.10
CA ASN A 173 -1.83 -9.65 -20.25
C ASN A 173 -3.05 -9.35 -19.40
N TYR A 174 -3.24 -10.10 -18.30
CA TYR A 174 -4.40 -9.93 -17.44
C TYR A 174 -4.06 -9.32 -16.09
N ARG A 175 -2.82 -8.85 -15.89
CA ARG A 175 -2.38 -8.34 -14.60
C ARG A 175 -2.11 -6.84 -14.68
N VAL A 176 -2.39 -6.14 -13.59
CA VAL A 176 -2.33 -4.69 -13.52
C VAL A 176 -1.43 -4.28 -12.37
N PHE A 177 -0.55 -3.31 -12.62
CA PHE A 177 0.28 -2.69 -11.61
C PHE A 177 -0.13 -1.23 -11.49
N SER A 178 -0.77 -0.87 -10.38
CA SER A 178 -1.28 0.46 -10.16
C SER A 178 -0.52 1.13 -9.03
N VAL A 179 -0.26 2.44 -9.18
CA VAL A 179 0.40 3.25 -8.16
C VAL A 179 -0.61 4.29 -7.68
N HIS A 180 -0.83 4.32 -6.37
CA HIS A 180 -1.81 5.20 -5.76
C HIS A 180 -1.14 6.24 -4.89
N TYR A 181 -1.86 7.33 -4.64
CA TYR A 181 -1.37 8.43 -3.82
C TYR A 181 -2.50 8.98 -2.96
N SER A 182 -2.14 9.44 -1.76
CA SER A 182 -3.07 10.09 -0.85
C SER A 182 -2.27 11.07 0.00
N GLN A 183 -2.96 11.73 0.93
CA GLN A 183 -2.28 12.60 1.88
C GLN A 183 -1.86 11.87 3.15
N PHE A 184 -2.26 10.61 3.31
CA PHE A 184 -1.95 9.85 4.52
C PHE A 184 -0.79 8.90 4.30
N HIS A 185 -1.01 7.84 3.50
CA HIS A 185 0.02 6.84 3.28
C HIS A 185 1.16 7.35 2.39
N GLY A 186 0.88 8.32 1.55
CA GLY A 186 1.87 8.74 0.56
C GLY A 186 1.69 7.95 -0.74
N LEU A 187 2.74 7.24 -1.15
CA LEU A 187 2.71 6.45 -2.38
C LEU A 187 2.57 4.98 -2.03
N SER A 188 1.49 4.36 -2.52
CA SER A 188 1.26 2.94 -2.36
C SER A 188 1.01 2.32 -3.73
N TYR A 189 1.06 0.99 -3.79
CA TYR A 189 0.87 0.29 -5.05
C TYR A 189 -0.04 -0.91 -4.82
N SER A 190 -0.79 -1.27 -5.87
CA SER A 190 -1.62 -2.45 -5.86
C SER A 190 -1.29 -3.30 -7.06
N LEU A 191 -1.25 -4.62 -6.85
CA LEU A 191 -0.95 -5.60 -7.88
C LEU A 191 -2.10 -6.57 -7.96
N SER A 192 -2.81 -6.59 -9.09
CA SER A 192 -4.02 -7.38 -9.22
C SER A 192 -4.02 -8.08 -10.57
N GLU A 193 -4.92 -9.06 -10.69
CA GLU A 193 -5.08 -9.83 -11.92
C GLU A 193 -6.54 -9.78 -12.33
N LEU A 194 -6.79 -9.33 -13.56
CA LEU A 194 -8.16 -9.26 -14.08
C LEU A 194 -8.46 -10.56 -14.81
N GLY A 195 -8.88 -11.56 -14.04
CA GLY A 195 -9.21 -12.84 -14.60
C GLY A 195 -10.50 -12.80 -15.38
N THR A 196 -10.81 -13.95 -15.99
CA THR A 196 -12.07 -14.08 -16.73
C THR A 196 -13.27 -14.06 -15.78
N SER A 197 -13.08 -14.52 -14.54
CA SER A 197 -14.17 -14.59 -13.57
C SER A 197 -14.33 -13.27 -12.82
N SER A 198 -13.42 -12.98 -11.89
CA SER A 198 -13.48 -11.77 -11.10
C SER A 198 -12.07 -11.20 -10.94
N LYS A 199 -11.98 -10.08 -10.22
CA LYS A 199 -10.70 -9.43 -9.99
C LYS A 199 -10.10 -9.91 -8.68
N ARG A 200 -8.82 -10.28 -8.72
CA ARG A 200 -8.10 -10.77 -7.55
C ARG A 200 -6.88 -9.91 -7.30
N TYR A 201 -6.66 -9.55 -6.03
CA TYR A 201 -5.52 -8.73 -5.65
C TYR A 201 -4.39 -9.62 -5.13
N TYR A 202 -3.21 -9.46 -5.71
CA TYR A 202 -2.01 -10.05 -5.12
C TYR A 202 -1.47 -9.19 -3.99
N LYS A 203 -1.50 -7.88 -4.17
CA LYS A 203 -1.06 -6.91 -3.18
C LYS A 203 -1.99 -5.70 -3.26
N ARG A 204 -2.45 -5.21 -2.12
CA ARG A 204 -3.46 -4.15 -2.07
C ARG A 204 -2.91 -2.96 -1.28
N GLU A 205 -2.46 -1.93 -2.02
CA GLU A 205 -2.03 -0.66 -1.43
C GLU A 205 -0.94 -0.88 -0.37
N CYS A 206 0.11 -1.58 -0.76
CA CYS A 206 1.30 -1.78 0.04
C CYS A 206 2.29 -0.62 -0.17
N PRO A 207 3.22 -0.43 0.76
CA PRO A 207 4.18 0.68 0.61
C PRO A 207 5.00 0.57 -0.66
N LEU A 208 5.19 1.71 -1.32
CA LEU A 208 6.04 1.83 -2.51
C LEU A 208 7.25 2.68 -2.16
N PRO A 209 8.41 2.07 -1.88
CA PRO A 209 9.55 2.84 -1.38
C PRO A 209 10.33 3.58 -2.46
N MET A 210 9.63 4.09 -3.47
CA MET A 210 10.31 4.85 -4.52
C MET A 210 10.70 6.23 -4.00
N SER A 211 11.92 6.66 -4.33
CA SER A 211 12.39 7.96 -3.89
C SER A 211 11.66 9.07 -4.64
N LEU A 212 11.13 10.04 -3.88
CA LEU A 212 10.47 11.21 -4.42
C LEU A 212 11.47 12.31 -4.72
N PRO A 213 11.17 13.18 -5.69
CA PRO A 213 12.11 14.27 -6.01
C PRO A 213 12.29 15.22 -4.84
N ASN A 214 13.51 15.72 -4.67
CA ASN A 214 13.82 16.66 -3.61
C ASN A 214 14.30 18.00 -4.17
N ASP A 222 16.11 25.22 -10.80
CA ASP A 222 16.63 23.99 -11.37
C ASP A 222 16.32 23.93 -12.87
N ALA A 223 17.17 23.25 -13.63
CA ALA A 223 16.99 23.15 -15.08
C ALA A 223 15.90 22.17 -15.46
N ASN A 224 15.58 21.22 -14.60
CA ASN A 224 14.58 20.19 -14.86
C ASN A 224 13.24 20.51 -14.22
N LEU A 225 13.00 21.78 -13.88
CA LEU A 225 11.73 22.16 -13.28
C LEU A 225 10.55 21.88 -14.21
N ASP A 226 10.76 22.01 -15.52
CA ASP A 226 9.66 21.74 -16.46
C ASP A 226 9.19 20.29 -16.35
N TYR A 227 10.10 19.35 -16.06
CA TYR A 227 9.72 17.95 -16.00
C TYR A 227 8.91 17.64 -14.75
N TYR A 228 9.40 18.07 -13.58
CA TYR A 228 8.74 17.72 -12.33
C TYR A 228 7.42 18.45 -12.12
N ASN A 229 7.10 19.44 -12.96
CA ASN A 229 5.74 19.96 -12.99
C ASN A 229 4.84 19.09 -13.85
N PHE A 230 5.42 18.47 -14.89
CA PHE A 230 4.68 17.54 -15.74
C PHE A 230 4.58 16.16 -15.10
N ASN A 231 5.55 15.81 -14.25
CA ASN A 231 5.55 14.53 -13.54
C ASN A 231 5.99 14.80 -12.11
N PRO A 232 5.05 15.17 -11.23
CA PRO A 232 5.45 15.51 -9.85
C PRO A 232 6.10 14.37 -9.10
N MET A 233 5.60 13.14 -9.29
CA MET A 233 6.15 12.00 -8.58
C MET A 233 7.58 11.66 -9.01
N GLY A 234 7.98 12.09 -10.20
CA GLY A 234 9.27 11.69 -10.72
C GLY A 234 9.29 10.30 -11.30
N ILE A 235 8.13 9.64 -11.44
CA ILE A 235 8.06 8.32 -12.02
C ILE A 235 8.36 8.43 -13.51
N LYS A 236 9.61 8.19 -13.88
CA LYS A 236 9.98 8.28 -15.29
C LYS A 236 9.26 7.23 -16.11
N SER A 237 9.15 6.01 -15.58
CA SER A 237 8.36 4.96 -16.21
C SER A 237 8.15 3.83 -15.22
N LEU A 238 7.15 3.01 -15.49
CA LEU A 238 6.92 1.79 -14.74
C LEU A 238 6.35 0.76 -15.70
N PHE A 239 6.65 -0.51 -15.45
CA PHE A 239 6.28 -1.57 -16.37
C PHE A 239 6.49 -2.91 -15.70
N PHE A 240 5.84 -3.93 -16.27
CA PHE A 240 6.18 -5.30 -15.93
C PHE A 240 7.45 -5.70 -16.66
N SER A 241 8.25 -6.55 -16.01
CA SER A 241 9.42 -7.07 -16.69
C SER A 241 8.99 -8.04 -17.79
N SER A 242 9.96 -8.46 -18.60
CA SER A 242 9.65 -9.43 -19.65
C SER A 242 9.15 -10.74 -19.06
N TYR A 243 9.53 -11.05 -17.82
CA TYR A 243 9.11 -12.26 -17.15
C TYR A 243 7.96 -12.03 -16.18
N GLY A 244 7.37 -10.84 -16.18
CA GLY A 244 6.16 -10.59 -15.43
C GLY A 244 6.34 -10.06 -14.02
N ASP A 245 7.43 -9.33 -13.76
CA ASP A 245 7.67 -8.76 -12.44
C ASP A 245 7.51 -7.25 -12.47
N PRO A 246 6.77 -6.66 -11.55
CA PRO A 246 6.56 -5.20 -11.58
C PRO A 246 7.86 -4.44 -11.37
N CYS A 247 8.04 -3.38 -12.16
CA CYS A 247 9.20 -2.52 -12.08
C CYS A 247 8.78 -1.06 -12.11
N ILE A 248 9.63 -0.20 -11.56
CA ILE A 248 9.39 1.24 -11.53
C ILE A 248 10.73 1.96 -11.56
N PHE A 249 10.74 3.14 -12.17
CA PHE A 249 11.95 3.94 -12.40
C PHE A 249 11.67 5.37 -11.99
N GLY A 250 12.01 5.71 -10.75
CA GLY A 250 11.74 7.03 -10.20
C GLY A 250 12.78 8.05 -10.63
N SER A 251 12.66 9.24 -10.03
CA SER A 251 13.58 10.32 -10.32
C SER A 251 14.99 10.04 -9.82
N ASP A 252 15.15 9.08 -8.91
CA ASP A 252 16.46 8.69 -8.41
C ASP A 252 17.23 7.81 -9.39
N ASN A 253 16.66 7.54 -10.56
CA ASN A 253 17.33 6.81 -11.64
C ASN A 253 17.80 5.43 -11.18
N THR A 254 17.00 4.80 -10.33
CA THR A 254 17.29 3.46 -9.82
C THR A 254 16.15 2.53 -10.19
N LEU A 255 16.47 1.42 -10.85
CA LEU A 255 15.46 0.46 -11.27
C LEU A 255 15.05 -0.41 -10.08
N LEU A 256 13.79 -0.31 -9.68
CA LEU A 256 13.25 -1.07 -8.57
C LEU A 256 12.37 -2.20 -9.11
N LEU A 257 12.68 -3.44 -8.72
CA LEU A 257 11.90 -4.61 -9.10
C LEU A 257 11.23 -5.19 -7.87
N LEU A 258 9.99 -5.62 -8.02
CA LEU A 258 9.21 -6.19 -6.92
C LEU A 258 9.46 -7.70 -6.87
N SER A 259 10.10 -8.16 -5.80
CA SER A 259 10.44 -9.56 -5.64
C SER A 259 9.42 -10.24 -4.72
N LYS A 260 9.13 -11.51 -5.03
CA LYS A 260 8.24 -12.34 -4.20
C LYS A 260 6.88 -11.69 -4.00
N TRP A 261 6.30 -11.16 -5.08
CA TRP A 261 4.99 -10.54 -4.99
C TRP A 261 3.86 -11.56 -4.92
N ARG A 262 4.14 -12.84 -5.15
CA ARG A 262 3.10 -13.85 -5.03
C ARG A 262 2.86 -14.23 -3.57
N SER A 263 3.86 -14.07 -2.70
CA SER A 263 3.72 -14.31 -1.28
C SER A 263 3.67 -12.96 -0.56
N PRO A 264 2.50 -12.52 -0.09
CA PRO A 264 2.40 -11.16 0.46
C PRO A 264 3.35 -10.87 1.61
N GLU A 265 3.67 -11.86 2.44
CA GLU A 265 4.56 -11.63 3.57
C GLU A 265 6.04 -11.64 3.19
N GLU A 266 6.36 -11.90 1.93
CA GLU A 266 7.75 -11.92 1.48
C GLU A 266 8.06 -10.87 0.42
N SER A 267 7.14 -9.94 0.18
CA SER A 267 7.33 -8.95 -0.88
C SER A 267 8.45 -7.99 -0.53
N LYS A 268 9.36 -7.79 -1.48
CA LYS A 268 10.49 -6.88 -1.31
C LYS A 268 10.70 -6.11 -2.62
N TRP A 269 10.98 -4.81 -2.49
CA TRP A 269 11.41 -4.00 -3.63
C TRP A 269 12.93 -3.98 -3.65
N LEU A 270 13.51 -4.52 -4.72
CA LEU A 270 14.96 -4.69 -4.81
C LEU A 270 15.55 -3.68 -5.78
N PRO A 271 16.49 -2.84 -5.36
CA PRO A 271 17.23 -2.00 -6.32
C PRO A 271 18.21 -2.88 -7.08
N ILE A 272 18.04 -2.94 -8.40
CA ILE A 272 18.81 -3.85 -9.25
C ILE A 272 19.68 -3.12 -10.26
N LEU A 273 19.62 -1.79 -10.31
CA LEU A 273 20.43 -1.05 -11.28
C LEU A 273 20.53 0.39 -10.83
N ASP A 274 21.75 0.87 -10.62
CA ASP A 274 22.01 2.29 -10.37
C ASP A 274 22.54 2.87 -11.67
N SER A 275 21.62 3.36 -12.53
CA SER A 275 22.01 3.84 -13.85
C SER A 275 23.01 4.98 -13.77
N ASN A 276 22.92 5.80 -12.71
CA ASN A 276 23.91 6.85 -12.52
C ASN A 276 25.29 6.27 -12.32
N MET A 277 25.38 5.15 -11.59
CA MET A 277 26.66 4.50 -11.37
C MET A 277 27.21 3.89 -12.65
N GLU A 278 26.33 3.31 -13.48
CA GLU A 278 26.78 2.71 -14.73
C GLU A 278 27.40 3.75 -15.65
N ILE A 279 26.67 4.83 -15.91
CA ILE A 279 27.21 5.92 -16.73
C ILE A 279 28.53 6.42 -16.14
N TRP A 280 28.60 6.49 -14.82
CA TRP A 280 29.85 6.87 -14.16
C TRP A 280 30.96 5.88 -14.46
N LYS A 281 30.65 4.57 -14.44
CA LYS A 281 31.69 3.56 -14.68
C LYS A 281 32.10 3.52 -16.14
N MET A 282 31.15 3.67 -17.07
CA MET A 282 31.47 3.65 -18.48
C MET A 282 32.14 4.94 -18.94
N SER A 283 31.95 6.04 -18.22
CA SER A 283 32.58 7.31 -18.55
C SER A 283 33.97 7.46 -17.97
N GLY A 284 34.56 6.37 -17.46
CA GLY A 284 35.89 6.45 -16.90
C GLY A 284 35.97 7.14 -15.56
N GLY A 285 34.93 7.04 -14.74
CA GLY A 285 34.94 7.67 -13.44
C GLY A 285 34.68 9.16 -13.44
N LYS A 286 34.30 9.73 -14.57
CA LYS A 286 34.11 11.17 -14.69
C LYS A 286 32.65 11.52 -14.42
N GLU A 287 32.43 12.49 -13.53
CA GLU A 287 31.08 12.93 -13.20
C GLU A 287 30.52 13.75 -14.36
N THR A 288 29.50 13.23 -15.02
CA THR A 288 28.86 13.92 -16.12
C THR A 288 27.55 14.55 -15.67
N THR A 289 27.18 15.65 -16.34
CA THR A 289 25.91 16.32 -16.11
C THR A 289 25.09 16.41 -17.39
N ASP A 290 25.47 15.62 -18.40
CA ASP A 290 24.81 15.65 -19.69
C ASP A 290 24.32 14.30 -20.18
N ILE A 291 24.63 13.21 -19.50
CA ILE A 291 24.21 11.87 -19.91
C ILE A 291 23.14 11.39 -18.93
N HIS A 292 22.00 10.99 -19.46
CA HIS A 292 20.89 10.52 -18.63
C HIS A 292 20.27 9.28 -19.27
N VAL A 293 19.53 8.53 -18.46
CA VAL A 293 18.88 7.30 -18.88
C VAL A 293 17.37 7.51 -18.91
N TRP A 294 16.73 7.03 -19.97
CA TRP A 294 15.27 7.06 -20.08
C TRP A 294 14.76 5.63 -20.22
N PRO A 295 14.06 5.09 -19.24
CA PRO A 295 13.72 3.66 -19.26
C PRO A 295 12.55 3.33 -20.17
N LEU A 296 12.68 2.21 -20.89
CA LEU A 296 11.61 1.68 -21.73
C LEU A 296 11.02 0.40 -21.16
N ALA A 297 11.85 -0.63 -20.96
CA ALA A 297 11.39 -1.89 -20.39
C ALA A 297 12.59 -2.65 -19.87
N LEU A 298 12.31 -3.76 -19.19
CA LEU A 298 13.34 -4.65 -18.66
C LEU A 298 13.17 -6.03 -19.29
N ALA A 299 14.21 -6.48 -19.98
CA ALA A 299 14.22 -7.81 -20.60
C ALA A 299 15.21 -8.68 -19.83
N TYR A 300 14.69 -9.52 -18.94
CA TYR A 300 15.50 -10.42 -18.14
C TYR A 300 16.52 -9.66 -17.30
N ASP A 301 17.69 -9.35 -17.87
CA ASP A 301 18.75 -8.66 -17.16
C ASP A 301 19.19 -7.38 -17.87
N THR A 302 18.46 -6.96 -18.89
CA THR A 302 18.86 -5.83 -19.72
C THR A 302 17.78 -4.76 -19.69
N LEU A 303 18.20 -3.52 -19.43
CA LEU A 303 17.29 -2.38 -19.38
C LEU A 303 17.34 -1.68 -20.74
N ASN A 304 16.33 -1.93 -21.57
N ASN A 304 16.33 -1.93 -21.56
CA ASN A 304 16.19 -1.19 -22.82
CA ASN A 304 16.18 -1.18 -22.81
C ASN A 304 15.85 0.26 -22.48
C ASN A 304 15.85 0.27 -22.47
N CYS A 305 16.70 1.19 -22.93
CA CYS A 305 16.58 2.58 -22.54
C CYS A 305 16.98 3.49 -23.70
N ILE A 306 16.88 4.80 -23.46
CA ILE A 306 17.32 5.82 -24.39
C ILE A 306 18.38 6.65 -23.69
N LEU A 307 19.57 6.73 -24.29
CA LEU A 307 20.66 7.52 -23.72
C LEU A 307 20.50 8.96 -24.20
N VAL A 308 20.22 9.86 -23.27
CA VAL A 308 19.94 11.25 -23.58
C VAL A 308 21.18 12.08 -23.29
N LYS A 309 21.62 12.84 -24.30
CA LYS A 309 22.73 13.76 -24.16
C LYS A 309 22.19 15.18 -24.21
N GLY A 310 22.46 15.96 -23.19
CA GLY A 310 22.02 17.35 -23.16
C GLY A 310 21.78 17.83 -21.75
N LYS A 311 21.30 19.07 -21.66
CA LYS A 311 21.03 19.69 -20.36
C LYS A 311 19.82 19.07 -19.69
N HIS A 312 18.81 18.69 -20.47
CA HIS A 312 17.58 18.12 -19.94
C HIS A 312 17.70 16.61 -19.80
N ILE A 313 16.93 16.06 -18.85
CA ILE A 313 16.98 14.63 -18.56
C ILE A 313 16.03 13.80 -19.42
N TRP A 314 15.19 14.44 -20.24
CA TRP A 314 14.26 13.69 -21.07
C TRP A 314 14.70 13.73 -22.54
N PRO A 315 14.38 12.69 -23.32
CA PRO A 315 14.85 12.65 -24.70
C PRO A 315 14.22 13.72 -25.57
N GLU A 316 14.81 13.90 -26.75
CA GLU A 316 14.44 14.96 -27.66
C GLU A 316 14.10 14.42 -29.04
N PHE A 317 13.92 15.32 -30.02
CA PHE A 317 13.73 14.91 -31.40
C PHE A 317 14.98 15.24 -32.24
N PRO A 318 15.42 14.27 -33.06
CA PRO A 318 14.81 12.95 -33.21
C PRO A 318 15.22 12.00 -32.08
N LEU A 319 14.44 10.95 -31.88
CA LEU A 319 14.72 10.02 -30.79
C LEU A 319 15.92 9.16 -31.16
N PRO A 320 16.93 9.07 -30.30
CA PRO A 320 18.08 8.20 -30.59
C PRO A 320 17.67 6.73 -30.62
N LEU A 321 18.61 5.90 -31.05
CA LEU A 321 18.38 4.46 -31.06
C LEU A 321 18.40 3.92 -29.63
N PRO A 322 17.56 2.95 -29.32
CA PRO A 322 17.55 2.38 -27.97
C PRO A 322 18.88 1.74 -27.62
N SER A 323 19.28 1.89 -26.35
CA SER A 323 20.47 1.27 -25.81
C SER A 323 20.08 0.16 -24.85
N GLU A 324 21.06 -0.66 -24.48
CA GLU A 324 20.85 -1.81 -23.61
C GLU A 324 21.84 -1.73 -22.47
N MET A 325 21.33 -1.58 -21.24
CA MET A 325 22.16 -1.47 -20.05
C MET A 325 21.93 -2.68 -19.16
N GLU A 326 22.98 -3.48 -18.96
CA GLU A 326 22.87 -4.65 -18.10
C GLU A 326 22.68 -4.22 -16.65
N ILE A 327 21.82 -4.94 -15.94
CA ILE A 327 21.54 -4.61 -14.55
C ILE A 327 22.73 -5.00 -13.66
N ARG A 328 23.02 -4.14 -12.68
CA ARG A 328 24.11 -4.37 -11.74
C ARG A 328 23.63 -4.08 -10.33
N MET A 329 23.86 -5.01 -9.42
CA MET A 329 23.46 -4.80 -8.03
C MET A 329 24.26 -3.64 -7.44
N PRO A 330 23.60 -2.67 -6.79
CA PRO A 330 24.34 -1.52 -6.25
C PRO A 330 25.28 -1.91 -5.11
N VAL A 331 26.40 -2.53 -5.46
CA VAL A 331 27.41 -2.93 -4.48
C VAL A 331 28.78 -2.35 -4.83
N PHE A 332 28.84 -1.43 -5.78
CA PHE A 332 30.08 -0.81 -6.22
C PHE A 332 30.29 0.51 -5.50
N VAL A 333 31.48 0.70 -4.95
CA VAL A 333 31.83 1.95 -4.26
C VAL A 333 32.76 2.74 -5.18
N LYS A 334 32.46 4.03 -5.36
CA LYS A 334 33.26 4.86 -6.26
C LYS A 334 34.71 4.96 -5.79
N SER A 335 34.92 5.18 -4.49
CA SER A 335 36.27 5.36 -3.98
C SER A 335 37.12 4.12 -4.20
N LYS A 336 36.56 2.93 -3.96
CA LYS A 336 37.33 1.71 -4.17
C LYS A 336 37.61 1.45 -5.64
N LEU A 337 36.70 1.85 -6.53
CA LEU A 337 36.92 1.66 -7.96
C LEU A 337 38.03 2.57 -8.48
N LEU A 338 38.17 3.77 -7.91
CA LEU A 338 39.22 4.68 -8.33
C LEU A 338 40.60 4.14 -7.97
N GLU A 339 40.72 3.42 -6.85
CA GLU A 339 42.01 2.90 -6.43
C GLU A 339 42.48 1.75 -7.31
N GLU A 340 41.56 0.88 -7.73
CA GLU A 340 41.95 -0.28 -8.54
C GLU A 340 42.39 0.13 -9.94
N ASN A 341 41.88 1.23 -10.46
CA ASN A 341 42.28 1.69 -11.79
C ASN A 341 43.64 2.38 -11.79
N LYS A 342 44.10 2.84 -10.63
CA LYS A 342 45.41 3.48 -10.54
C LYS A 342 46.50 2.45 -10.26
N GLU A 365 37.52 2.73 -19.86
CA GLU A 365 36.44 2.38 -18.96
C GLU A 365 37.00 1.94 -17.61
N ILE A 366 36.19 2.07 -16.56
CA ILE A 366 36.64 1.76 -15.21
C ILE A 366 36.81 0.26 -15.04
N GLN A 367 38.04 -0.16 -14.74
CA GLN A 367 38.32 -1.57 -14.47
C GLN A 367 37.82 -1.96 -13.09
N ILE A 368 37.09 -3.06 -13.01
CA ILE A 368 36.50 -3.54 -11.76
C ILE A 368 37.35 -4.70 -11.24
N PRO A 369 37.76 -4.68 -9.97
CA PRO A 369 38.54 -5.81 -9.44
C PRO A 369 37.72 -7.10 -9.48
N VAL A 370 38.38 -8.19 -9.89
CA VAL A 370 37.70 -9.47 -10.05
C VAL A 370 37.09 -9.94 -8.74
N SER A 371 37.75 -9.65 -7.61
CA SER A 371 37.19 -10.02 -6.31
C SER A 371 35.86 -9.33 -6.06
N MET A 372 35.76 -8.05 -6.44
CA MET A 372 34.51 -7.32 -6.26
C MET A 372 33.49 -7.66 -7.36
N ALA A 373 33.97 -7.88 -8.59
CA ALA A 373 33.04 -8.19 -9.67
C ALA A 373 32.42 -9.58 -9.51
N ALA A 374 33.14 -10.51 -8.89
CA ALA A 374 32.55 -11.82 -8.62
C ALA A 374 31.50 -11.74 -7.52
N GLU A 375 31.69 -10.86 -6.54
CA GLU A 375 30.70 -10.66 -5.50
C GLU A 375 29.41 -10.07 -6.07
N GLU A 376 29.53 -9.13 -7.01
CA GLU A 376 28.35 -8.57 -7.64
C GLU A 376 27.66 -9.60 -8.51
N GLU A 377 28.42 -10.39 -9.25
CA GLU A 377 27.84 -11.43 -10.09
C GLU A 377 27.12 -12.48 -9.26
N TYR A 378 27.61 -12.74 -8.05
CA TYR A 378 26.93 -13.68 -7.15
C TYR A 378 25.56 -13.15 -6.75
N LEU A 379 25.50 -11.89 -6.30
CA LEU A 379 24.22 -11.30 -5.90
C LEU A 379 23.26 -11.22 -7.09
N ARG A 380 23.75 -10.74 -8.24
CA ARG A 380 22.90 -10.58 -9.41
C ARG A 380 22.31 -11.93 -9.84
N SER A 381 23.14 -12.96 -9.89
CA SER A 381 22.65 -14.29 -10.24
C SER A 381 21.65 -14.80 -9.21
N LYS A 382 21.97 -14.63 -7.92
CA LYS A 382 21.07 -15.09 -6.86
C LYS A 382 19.69 -14.45 -6.97
N VAL A 383 19.66 -13.14 -7.22
CA VAL A 383 18.38 -12.44 -7.33
C VAL A 383 17.62 -12.88 -8.58
N LEU A 384 18.31 -12.87 -9.72
CA LEU A 384 17.67 -13.26 -10.97
C LEU A 384 17.23 -14.71 -10.94
N SER A 385 18.05 -15.60 -10.38
CA SER A 385 17.67 -17.01 -10.28
C SER A 385 16.46 -17.18 -9.39
N GLU A 386 16.43 -16.49 -8.25
CA GLU A 386 15.31 -16.62 -7.32
C GLU A 386 14.01 -16.13 -7.95
N LEU A 387 14.09 -15.06 -8.74
CA LEU A 387 12.89 -14.51 -9.37
C LEU A 387 12.40 -15.43 -10.48
N LEU A 388 13.30 -15.84 -11.38
CA LEU A 388 12.91 -16.69 -12.50
C LEU A 388 12.39 -18.04 -12.04
N THR A 389 12.93 -18.56 -10.93
CA THR A 389 12.42 -19.81 -10.38
C THR A 389 10.99 -19.64 -9.87
N ASP A 390 10.71 -18.53 -9.18
CA ASP A 390 9.35 -18.25 -8.75
C ASP A 390 8.41 -18.13 -9.95
N THR A 391 8.90 -17.57 -11.05
CA THR A 391 8.08 -17.41 -12.24
C THR A 391 7.72 -18.78 -12.84
N LEU A 392 8.68 -19.68 -12.93
CA LEU A 392 8.43 -20.99 -13.53
C LEU A 392 7.65 -21.91 -12.62
N GLU A 393 7.70 -21.69 -11.30
CA GLU A 393 6.99 -22.55 -10.36
C GLU A 393 5.52 -22.20 -10.22
N ASN A 394 5.09 -21.04 -10.72
CA ASN A 394 3.70 -20.62 -10.57
C ASN A 394 3.00 -20.31 -11.88
N ASP A 395 3.67 -19.63 -12.82
CA ASP A 395 3.07 -19.23 -14.08
C ASP A 395 3.63 -19.97 -15.28
N GLY A 396 4.67 -20.77 -15.12
CA GLY A 396 5.27 -21.43 -16.26
C GLY A 396 6.12 -20.49 -17.10
N GLU A 397 6.25 -20.86 -18.37
CA GLU A 397 7.08 -20.14 -19.33
C GLU A 397 6.26 -19.09 -20.09
N MET A 398 6.97 -18.12 -20.67
CA MET A 398 6.32 -17.11 -21.49
C MET A 398 7.05 -16.84 -22.80
N TYR A 399 8.36 -17.10 -22.86
CA TYR A 399 9.13 -16.85 -24.07
C TYR A 399 9.76 -18.08 -24.69
N GLY A 400 10.00 -19.15 -23.93
CA GLY A 400 10.56 -20.37 -24.46
C GLY A 400 11.99 -20.62 -24.04
N ASN A 401 12.65 -19.62 -23.47
CA ASN A 401 14.04 -19.75 -23.06
C ASN A 401 14.23 -19.63 -21.55
N GLU A 402 13.14 -19.54 -20.78
CA GLU A 402 13.27 -19.37 -19.34
C GLU A 402 13.99 -20.55 -18.72
N ASN A 403 13.63 -21.77 -19.12
CA ASN A 403 14.27 -22.96 -18.56
C ASN A 403 15.74 -23.01 -18.91
N GLU A 404 16.11 -22.56 -20.10
CA GLU A 404 17.52 -22.49 -20.46
C GLU A 404 18.22 -21.31 -19.78
N VAL A 405 17.51 -20.19 -19.62
CA VAL A 405 18.10 -19.05 -18.93
C VAL A 405 18.35 -19.39 -17.47
N LEU A 406 17.35 -19.97 -16.79
CA LEU A 406 17.52 -20.34 -15.39
C LEU A 406 18.65 -21.34 -15.21
N ALA A 407 18.82 -22.26 -16.18
CA ALA A 407 19.91 -23.23 -16.10
C ALA A 407 21.26 -22.52 -16.15
N ALA A 408 21.47 -21.68 -17.17
CA ALA A 408 22.72 -20.93 -17.26
C ALA A 408 22.83 -19.91 -16.12
N LEU A 409 21.70 -19.44 -15.61
CA LEU A 409 21.73 -18.50 -14.50
C LEU A 409 22.27 -19.15 -13.24
N ASN A 410 21.78 -20.35 -12.92
CA ASN A 410 22.31 -21.09 -11.78
C ASN A 410 23.78 -21.44 -11.97
N GLY A 411 24.21 -21.64 -13.22
CA GLY A 411 25.61 -21.91 -13.47
C GLY A 411 26.50 -20.72 -13.14
N ALA A 412 26.12 -19.53 -13.63
CA ALA A 412 26.89 -18.33 -13.32
C ALA A 412 26.87 -18.02 -11.83
N TYR A 413 25.83 -18.46 -11.13
CA TYR A 413 25.76 -18.28 -9.68
C TYR A 413 26.89 -19.02 -8.99
N ASP A 414 27.03 -20.32 -9.27
CA ASP A 414 28.08 -21.11 -8.63
C ASP A 414 29.47 -20.66 -9.07
N LYS A 415 29.63 -20.34 -10.36
CA LYS A 415 30.94 -19.93 -10.86
C LYS A 415 31.45 -18.69 -10.15
N ALA A 416 30.60 -17.66 -10.04
CA ALA A 416 31.00 -16.47 -9.30
C ALA A 416 31.16 -16.76 -7.82
N LEU A 417 30.36 -17.68 -7.28
CA LEU A 417 30.48 -18.03 -5.87
C LEU A 417 31.75 -18.81 -5.59
N LEU A 418 32.20 -19.63 -6.54
CA LEU A 418 33.46 -20.36 -6.37
C LEU A 418 34.67 -19.44 -6.43
N ARG A 419 34.57 -18.34 -7.19
CA ARG A 419 35.66 -17.38 -7.22
C ARG A 419 35.88 -16.76 -5.84
N LEU A 420 34.78 -16.41 -5.16
CA LEU A 420 34.88 -15.93 -3.78
C LEU A 420 35.45 -17.00 -2.87
N PHE A 421 35.07 -18.26 -3.10
CA PHE A 421 35.58 -19.37 -2.29
C PHE A 421 37.09 -19.53 -2.48
N ALA A 422 37.58 -19.30 -3.70
CA ALA A 422 39.01 -19.41 -3.94
C ALA A 422 39.79 -18.30 -3.24
N SER A 423 39.29 -17.06 -3.32
CA SER A 423 39.96 -15.96 -2.65
C SER A 423 39.93 -16.13 -1.14
N ALA A 424 38.90 -16.77 -0.60
CA ALA A 424 38.86 -17.04 0.83
C ALA A 424 39.94 -18.05 1.22
N CYS A 425 40.14 -19.07 0.39
CA CYS A 425 41.22 -20.03 0.64
C CYS A 425 42.58 -19.39 0.45
N SER A 426 42.68 -18.42 -0.47
CA SER A 426 43.94 -17.72 -0.66
C SER A 426 44.32 -16.92 0.57
N ASP A 427 43.33 -16.40 1.30
CA ASP A 427 43.56 -15.66 2.53
C ASP A 427 43.46 -16.53 3.77
N GLN A 428 43.49 -17.85 3.61
CA GLN A 428 43.47 -18.81 4.72
C GLN A 428 42.22 -18.67 5.59
N ASN A 429 41.17 -18.01 5.08
CA ASN A 429 39.95 -17.79 5.85
C ASN A 429 39.08 -19.04 5.72
N VAL A 430 39.30 -19.99 6.62
CA VAL A 430 38.57 -21.26 6.57
C VAL A 430 37.09 -21.05 6.88
N GLU A 431 36.79 -20.18 7.85
CA GLU A 431 35.40 -19.98 8.25
C GLU A 431 34.58 -19.33 7.13
N LYS A 432 35.11 -18.25 6.54
CA LYS A 432 34.38 -17.58 5.47
C LYS A 432 34.18 -18.48 4.25
N ALA A 433 35.15 -19.36 3.99
CA ALA A 433 35.02 -20.27 2.85
C ALA A 433 33.89 -21.28 3.07
N LEU A 434 33.78 -21.81 4.29
CA LEU A 434 32.73 -22.80 4.57
C LEU A 434 31.35 -22.20 4.40
N SER A 435 31.16 -20.97 4.86
CA SER A 435 29.87 -20.30 4.69
C SER A 435 29.56 -20.10 3.20
N LEU A 436 30.57 -19.79 2.40
CA LEU A 436 30.37 -19.65 0.96
C LEU A 436 29.96 -20.98 0.33
N ALA A 437 30.54 -22.09 0.79
CA ALA A 437 30.22 -23.40 0.23
C ALA A 437 28.77 -23.77 0.50
N HIS A 438 28.22 -23.35 1.63
CA HIS A 438 26.82 -23.66 1.93
C HIS A 438 25.87 -23.04 0.92
N GLU A 439 26.24 -21.90 0.34
CA GLU A 439 25.39 -21.21 -0.62
C GLU A 439 25.50 -21.77 -2.02
N LEU A 440 26.39 -22.73 -2.26
CA LEU A 440 26.50 -23.33 -3.58
C LEU A 440 25.25 -24.12 -3.92
N LYS A 441 24.90 -24.11 -5.21
CA LYS A 441 23.70 -24.81 -5.70
C LYS A 441 24.07 -26.22 -6.17
N GLN A 442 24.76 -26.30 -7.31
CA GLN A 442 25.04 -27.59 -7.93
C GLN A 442 25.98 -28.43 -7.06
N ASP A 443 25.73 -29.74 -7.02
CA ASP A 443 26.62 -30.64 -6.30
C ASP A 443 27.98 -30.71 -6.96
N ARG A 444 28.04 -30.49 -8.29
CA ARG A 444 29.33 -30.42 -8.97
C ARG A 444 30.16 -29.26 -8.46
N ALA A 445 29.52 -28.16 -8.06
CA ALA A 445 30.25 -27.04 -7.49
C ALA A 445 30.81 -27.36 -6.12
N LEU A 446 30.11 -28.18 -5.33
CA LEU A 446 30.65 -28.62 -4.06
C LEU A 446 31.88 -29.49 -4.27
N THR A 447 31.87 -30.35 -5.29
CA THR A 447 33.05 -31.14 -5.61
C THR A 447 34.20 -30.25 -6.04
N ALA A 448 33.91 -29.21 -6.82
CA ALA A 448 34.95 -28.27 -7.25
C ALA A 448 35.53 -27.53 -6.06
N ALA A 449 34.69 -27.17 -5.08
CA ALA A 449 35.19 -26.49 -3.88
C ALA A 449 36.13 -27.37 -3.08
N VAL A 450 35.90 -28.68 -3.09
CA VAL A 450 36.80 -29.61 -2.40
C VAL A 450 38.18 -29.58 -3.04
N LYS A 451 38.24 -29.66 -4.38
CA LYS A 451 39.52 -29.64 -5.08
C LYS A 451 40.24 -28.31 -4.88
N ILE A 452 39.50 -27.21 -4.82
CA ILE A 452 40.12 -25.92 -4.54
C ILE A 452 40.72 -25.91 -3.13
N SER A 453 40.02 -26.52 -2.18
CA SER A 453 40.55 -26.62 -0.82
C SER A 453 41.79 -27.50 -0.77
N GLU A 454 41.85 -28.53 -1.61
CA GLU A 454 43.05 -29.37 -1.66
C GLU A 454 44.24 -28.60 -2.21
N ARG A 455 44.04 -27.79 -3.26
CA ARG A 455 45.13 -26.98 -3.78
C ARG A 455 45.60 -25.94 -2.78
N ALA A 456 44.71 -25.46 -1.92
CA ALA A 456 45.07 -24.50 -0.89
C ALA A 456 45.61 -25.17 0.36
N GLU A 457 45.68 -26.50 0.39
CA GLU A 457 46.23 -27.25 1.52
C GLU A 457 45.51 -26.91 2.82
N LEU A 458 44.18 -27.02 2.78
CA LEU A 458 43.32 -26.78 3.94
C LEU A 458 42.51 -28.04 4.19
N PRO A 459 43.12 -29.06 4.79
CA PRO A 459 42.40 -30.33 5.00
C PRO A 459 41.23 -30.20 5.97
N SER A 460 41.31 -29.28 6.93
CA SER A 460 40.20 -29.09 7.87
C SER A 460 38.94 -28.61 7.14
N LEU A 461 39.12 -27.77 6.12
CA LEU A 461 37.98 -27.30 5.32
C LEU A 461 37.41 -28.41 4.47
N VAL A 462 38.27 -29.28 3.93
CA VAL A 462 37.82 -30.36 3.05
C VAL A 462 36.83 -31.26 3.78
N LYS A 463 37.12 -31.61 5.04
CA LYS A 463 36.24 -32.50 5.78
C LYS A 463 34.88 -31.88 6.03
N LYS A 464 34.83 -30.58 6.32
CA LYS A 464 33.55 -29.93 6.61
C LYS A 464 32.70 -29.78 5.36
N ILE A 465 33.33 -29.54 4.20
CA ILE A 465 32.56 -29.48 2.96
C ILE A 465 32.01 -30.85 2.61
N ASN A 466 32.79 -31.91 2.85
CA ASN A 466 32.30 -33.27 2.60
C ASN A 466 31.12 -33.60 3.50
N ASN A 467 31.03 -32.96 4.67
CA ASN A 467 29.84 -33.13 5.49
C ASN A 467 28.61 -32.55 4.81
N ILE A 468 28.78 -31.45 4.08
CA ILE A 468 27.68 -30.88 3.32
C ILE A 468 27.27 -31.81 2.18
N ARG A 469 28.26 -32.34 1.47
CA ARG A 469 27.99 -33.29 0.39
C ARG A 469 27.29 -34.53 0.92
N GLU A 470 27.71 -35.02 2.08
CA GLU A 470 27.07 -36.19 2.67
C GLU A 470 25.67 -35.87 3.15
N ALA A 471 25.46 -34.68 3.69
CA ALA A 471 24.13 -34.31 4.17
C ALA A 471 23.15 -34.17 3.01
N ARG A 472 23.61 -33.65 1.87
CA ARG A 472 22.75 -33.53 0.70
C ARG A 472 22.51 -34.89 0.05
N TYR A 473 23.50 -35.78 0.10
CA TYR A 473 23.30 -37.13 -0.41
C TYR A 473 22.35 -37.93 0.48
N GLU A 474 22.31 -37.62 1.78
CA GLU A 474 21.39 -38.28 2.69
C GLU A 474 19.98 -37.70 2.61
N GLN A 475 19.84 -36.45 2.17
CA GLN A 475 18.52 -35.94 1.83
C GLN A 475 18.00 -36.52 0.53
N GLN A 476 18.90 -36.98 -0.34
CA GLN A 476 18.51 -37.63 -1.58
C GLN A 476 17.97 -39.04 -1.35
N LEU A 477 18.28 -39.64 -0.19
CA LEU A 477 17.83 -40.98 0.14
C LEU A 477 16.43 -40.97 0.74
N LYS A 478 15.95 -39.82 1.19
CA LYS A 478 14.61 -39.72 1.77
C LYS A 478 13.56 -39.57 0.67
N PHE B 25 -6.49 15.66 15.40
CA PHE B 25 -7.85 15.56 14.86
C PHE B 25 -8.86 15.29 15.98
N ARG B 26 -10.05 15.86 15.85
CA ARG B 26 -11.09 15.76 16.87
C ARG B 26 -12.20 14.84 16.37
N TYR B 27 -12.45 13.76 17.12
CA TYR B 27 -13.50 12.82 16.77
C TYR B 27 -14.86 13.37 17.17
N MET B 28 -15.84 13.19 16.28
CA MET B 28 -17.19 13.69 16.51
C MET B 28 -18.17 12.55 16.69
N PRO B 29 -19.21 12.73 17.51
CA PRO B 29 -20.22 11.68 17.67
C PRO B 29 -20.99 11.46 16.38
N PHE B 30 -20.94 10.23 15.87
CA PHE B 30 -21.53 9.88 14.59
C PHE B 30 -22.74 8.97 14.76
N SER B 31 -23.72 9.13 13.88
CA SER B 31 -24.88 8.28 13.79
C SER B 31 -25.34 8.24 12.35
N PRO B 32 -25.87 7.11 11.89
CA PRO B 32 -26.30 7.00 10.48
C PRO B 32 -27.34 8.05 10.13
N ALA B 33 -27.08 8.80 9.05
CA ALA B 33 -28.00 9.79 8.50
C ALA B 33 -28.36 10.87 9.52
N GLY B 34 -27.46 11.11 10.48
CA GLY B 34 -27.71 12.17 11.45
C GLY B 34 -27.51 13.55 10.84
N THR B 35 -28.31 14.49 11.32
CA THR B 35 -28.23 15.88 10.91
C THR B 35 -27.79 16.75 12.08
N PRO B 36 -27.17 17.90 11.81
CA PRO B 36 -26.78 18.79 12.92
C PRO B 36 -27.92 19.75 13.27
N PHE B 37 -27.76 20.39 14.43
CA PHE B 37 -28.71 21.43 14.81
C PHE B 37 -28.65 22.61 13.85
N GLY B 38 -27.44 22.99 13.44
CA GLY B 38 -27.30 24.14 12.57
C GLY B 38 -27.69 25.40 13.31
N PHE B 39 -28.55 26.20 12.67
CA PHE B 39 -29.07 27.42 13.29
C PHE B 39 -30.46 27.23 13.87
N THR B 40 -30.86 25.99 14.13
CA THR B 40 -32.16 25.67 14.72
C THR B 40 -31.96 25.06 16.11
N ASP B 41 -33.08 24.69 16.74
CA ASP B 41 -33.08 24.06 18.05
C ASP B 41 -33.46 22.58 17.99
N ARG B 42 -33.39 21.97 16.81
CA ARG B 42 -33.78 20.57 16.67
C ARG B 42 -33.02 19.96 15.50
N ARG B 43 -32.77 18.65 15.60
CA ARG B 43 -32.06 17.91 14.57
C ARG B 43 -32.52 16.47 14.60
N TYR B 44 -31.96 15.65 13.72
CA TYR B 44 -32.21 14.22 13.65
C TYR B 44 -31.00 13.47 14.19
N LEU B 45 -31.24 12.61 15.18
CA LEU B 45 -30.15 11.79 15.72
C LEU B 45 -29.70 10.75 14.70
N THR B 46 -30.58 9.82 14.34
CA THR B 46 -30.33 8.82 13.33
C THR B 46 -31.53 8.73 12.40
N MET B 47 -31.39 7.96 11.33
CA MET B 47 -32.42 7.90 10.29
C MET B 47 -32.14 6.75 9.33
N ASN B 48 -33.10 5.87 9.13
CA ASN B 48 -32.91 4.76 8.20
C ASN B 48 -34.27 4.35 7.64
N GLU B 49 -34.36 3.10 7.18
CA GLU B 49 -35.58 2.63 6.54
C GLU B 49 -36.70 2.36 7.55
N VAL B 50 -36.37 2.15 8.82
CA VAL B 50 -37.39 1.86 9.83
C VAL B 50 -38.14 3.14 10.21
N GLY B 51 -37.41 4.19 10.54
CA GLY B 51 -38.01 5.45 10.93
C GLY B 51 -36.99 6.55 11.10
N TYR B 52 -37.27 7.51 11.98
CA TYR B 52 -36.35 8.60 12.24
C TYR B 52 -36.46 9.02 13.70
N VAL B 53 -35.32 9.38 14.29
CA VAL B 53 -35.23 9.79 15.68
C VAL B 53 -34.79 11.25 15.70
N SER B 54 -35.64 12.11 16.26
CA SER B 54 -35.36 13.52 16.36
C SER B 54 -35.24 13.94 17.83
N THR B 55 -34.57 15.07 18.04
CA THR B 55 -34.41 15.64 19.38
C THR B 55 -34.54 17.15 19.29
N VAL B 56 -35.23 17.73 20.27
CA VAL B 56 -35.49 19.16 20.33
C VAL B 56 -34.98 19.69 21.66
N LYS B 57 -34.26 20.81 21.62
CA LYS B 57 -33.81 21.44 22.85
C LYS B 57 -35.00 21.99 23.62
N ASN B 58 -35.18 21.51 24.85
CA ASN B 58 -36.31 21.89 25.71
C ASN B 58 -35.74 22.62 26.92
N SER B 59 -35.57 23.94 26.79
CA SER B 59 -35.03 24.78 27.84
C SER B 59 -33.66 24.28 28.29
N GLU B 60 -33.64 23.40 29.30
CA GLU B 60 -32.41 22.83 29.82
C GLU B 60 -32.27 21.34 29.54
N GLN B 61 -33.32 20.69 29.08
CA GLN B 61 -33.32 19.27 28.74
C GLN B 61 -33.57 19.10 27.24
N TYR B 62 -33.85 17.87 26.83
CA TYR B 62 -34.14 17.56 25.43
C TYR B 62 -35.38 16.70 25.33
N SER B 63 -36.07 16.82 24.21
CA SER B 63 -37.27 16.04 23.91
C SER B 63 -36.99 15.16 22.70
N ILE B 64 -36.80 13.86 22.94
CA ILE B 64 -36.49 12.92 21.87
C ILE B 64 -37.79 12.31 21.35
N THR B 65 -37.93 12.25 20.02
CA THR B 65 -39.11 11.70 19.38
C THR B 65 -38.68 10.59 18.43
N VAL B 66 -39.23 9.40 18.61
CA VAL B 66 -38.94 8.24 17.77
C VAL B 66 -40.16 7.97 16.92
N SER B 67 -40.02 8.16 15.61
CA SER B 67 -41.11 7.98 14.66
C SER B 67 -40.79 6.84 13.71
N PHE B 68 -41.80 6.38 13.00
CA PHE B 68 -41.67 5.25 12.09
C PHE B 68 -42.39 5.55 10.78
N PHE B 69 -41.94 4.92 9.70
CA PHE B 69 -42.56 5.07 8.40
C PHE B 69 -43.73 4.10 8.19
N ASP B 70 -43.58 2.86 8.67
CA ASP B 70 -44.69 1.90 8.66
C ASP B 70 -45.52 2.19 9.90
N VAL B 71 -46.47 3.13 9.78
CA VAL B 71 -47.26 3.56 10.92
C VAL B 71 -48.12 2.43 11.45
N GLY B 72 -48.45 1.47 10.59
CA GLY B 72 -49.25 0.34 11.04
C GLY B 72 -48.52 -0.56 12.02
N ARG B 73 -47.22 -0.77 11.79
CA ARG B 73 -46.44 -1.67 12.64
C ARG B 73 -46.18 -1.04 14.01
N PHE B 74 -45.42 0.05 14.04
CA PHE B 74 -44.97 0.65 15.29
C PHE B 74 -45.72 1.94 15.57
N ARG B 75 -45.80 2.30 16.85
CA ARG B 75 -46.44 3.53 17.29
C ARG B 75 -45.39 4.55 17.70
N GLU B 76 -45.50 5.75 17.15
CA GLU B 76 -44.57 6.82 17.46
C GLU B 76 -44.68 7.23 18.92
N TYR B 77 -43.53 7.39 19.59
CA TYR B 77 -43.50 7.80 20.99
C TYR B 77 -42.43 8.86 21.18
N HIS B 78 -42.36 9.40 22.39
CA HIS B 78 -41.39 10.44 22.73
C HIS B 78 -41.18 10.46 24.23
N PHE B 79 -39.97 10.85 24.63
CA PHE B 79 -39.61 10.92 26.05
C PHE B 79 -38.69 12.11 26.29
N GLU B 80 -38.44 12.39 27.56
CA GLU B 80 -37.63 13.53 27.97
C GLU B 80 -36.20 13.09 28.24
N ASP B 81 -35.24 13.74 27.60
CA ASP B 81 -33.83 13.39 27.71
C ASP B 81 -33.17 14.36 28.70
N LEU B 82 -32.82 13.85 29.88
CA LEU B 82 -32.13 14.63 30.89
C LEU B 82 -30.62 14.49 30.80
N PHE B 83 -30.11 13.79 29.78
CA PHE B 83 -28.68 13.51 29.66
C PHE B 83 -28.03 14.18 28.46
N GLY B 84 -28.77 14.42 27.38
CA GLY B 84 -28.22 15.05 26.20
C GLY B 84 -27.62 14.06 25.23
N TYR B 85 -28.41 13.07 24.83
CA TYR B 85 -27.94 12.05 23.89
C TYR B 85 -27.61 12.66 22.54
N ASP B 86 -26.41 12.38 22.04
CA ASP B 86 -25.99 12.79 20.71
C ASP B 86 -25.63 11.61 19.83
N LEU B 87 -25.85 10.38 20.31
CA LEU B 87 -25.58 9.16 19.57
C LEU B 87 -26.83 8.30 19.55
N CYS B 88 -27.16 7.75 18.38
CA CYS B 88 -28.37 6.96 18.25
C CYS B 88 -28.23 5.97 17.11
N PHE B 89 -28.97 4.86 17.23
CA PHE B 89 -29.06 3.85 16.17
C PHE B 89 -30.41 3.17 16.29
N LEU B 90 -31.06 2.92 15.16
CA LEU B 90 -32.42 2.40 15.13
C LEU B 90 -32.46 1.11 14.32
N ASN B 91 -33.10 0.08 14.89
CA ASN B 91 -33.39 -1.16 14.20
C ASN B 91 -34.87 -1.48 14.36
N GLU B 92 -35.30 -2.63 13.83
CA GLU B 92 -36.71 -2.97 13.82
C GLU B 92 -37.26 -3.39 15.18
N LYS B 93 -36.40 -3.63 16.17
CA LYS B 93 -36.85 -4.10 17.47
C LYS B 93 -36.64 -3.10 18.60
N GLY B 94 -35.80 -2.10 18.43
CA GLY B 94 -35.55 -1.16 19.50
C GLY B 94 -34.73 0.02 19.01
N THR B 95 -34.49 0.94 19.94
CA THR B 95 -33.72 2.15 19.67
C THR B 95 -32.60 2.24 20.69
N LEU B 96 -31.39 2.55 20.22
CA LEU B 96 -30.23 2.69 21.09
C LEU B 96 -29.81 4.15 21.15
N PHE B 97 -29.59 4.65 22.35
CA PHE B 97 -29.14 6.01 22.57
C PHE B 97 -27.79 5.99 23.28
N GLY B 98 -27.02 7.06 23.11
CA GLY B 98 -25.70 7.13 23.70
C GLY B 98 -25.26 8.56 23.91
N GLN B 99 -24.46 8.78 24.95
CA GLN B 99 -23.87 10.07 25.25
C GLN B 99 -22.38 10.00 24.97
N SER B 100 -21.90 10.88 24.08
CA SER B 100 -20.50 10.82 23.67
C SER B 100 -19.55 11.19 24.80
N LYS B 101 -20.00 12.04 25.73
CA LYS B 101 -19.13 12.60 26.76
C LYS B 101 -19.17 11.81 28.07
N THR B 102 -20.37 11.58 28.63
CA THR B 102 -20.46 10.86 29.90
C THR B 102 -20.30 9.36 29.73
N GLY B 103 -20.56 8.82 28.53
CA GLY B 103 -20.43 7.39 28.31
C GLY B 103 -21.63 6.58 28.73
N GLN B 104 -22.80 7.18 28.80
CA GLN B 104 -24.02 6.48 29.21
C GLN B 104 -24.80 6.08 27.95
N ILE B 105 -25.19 4.81 27.90
CA ILE B 105 -25.99 4.29 26.79
C ILE B 105 -27.28 3.74 27.35
N GLN B 106 -28.32 3.73 26.52
CA GLN B 106 -29.61 3.18 26.90
C GLN B 106 -30.27 2.56 25.68
N TYR B 107 -30.71 1.31 25.82
CA TYR B 107 -31.38 0.59 24.75
C TYR B 107 -32.86 0.48 25.11
N ARG B 108 -33.71 1.06 24.27
CA ARG B 108 -35.15 1.07 24.52
C ARG B 108 -35.85 0.20 23.47
N PRO B 109 -36.19 -1.05 23.79
CA PRO B 109 -36.96 -1.86 22.85
C PRO B 109 -38.31 -1.23 22.57
N HIS B 110 -38.76 -1.34 21.32
CA HIS B 110 -40.05 -0.79 20.94
C HIS B 110 -41.18 -1.51 21.67
N ASP B 111 -41.12 -2.83 21.71
CA ASP B 111 -42.13 -3.63 22.38
C ASP B 111 -41.95 -3.59 23.89
N SER B 112 -43.05 -3.81 24.60
CA SER B 112 -43.08 -3.81 26.06
C SER B 112 -42.61 -5.14 26.66
N ILE B 113 -42.25 -6.13 25.84
CA ILE B 113 -41.83 -7.42 26.38
C ILE B 113 -40.61 -7.27 27.26
N HIS B 114 -39.55 -6.67 26.71
CA HIS B 114 -38.31 -6.47 27.43
C HIS B 114 -38.19 -5.02 27.90
N SER B 115 -37.65 -4.85 29.10
CA SER B 115 -37.51 -3.52 29.69
C SER B 115 -36.29 -2.81 29.12
N ASN B 116 -36.32 -1.49 29.20
CA ASN B 116 -35.16 -0.70 28.79
C ASN B 116 -34.04 -0.89 29.81
N TRP B 117 -32.81 -1.00 29.31
CA TRP B 117 -31.64 -1.15 30.17
C TRP B 117 -30.62 -0.07 29.85
N THR B 118 -29.82 0.27 30.87
CA THR B 118 -28.87 1.36 30.79
C THR B 118 -27.54 0.92 31.38
N LYS B 119 -26.47 1.15 30.63
CA LYS B 119 -25.12 0.90 31.09
C LYS B 119 -24.31 2.18 30.93
N ILE B 120 -23.17 2.23 31.61
CA ILE B 120 -22.24 3.36 31.50
C ILE B 120 -20.92 2.83 30.99
N ILE B 121 -20.51 3.31 29.82
CA ILE B 121 -19.28 2.83 29.18
C ILE B 121 -18.09 3.51 29.84
N PRO B 122 -17.07 2.75 30.25
CA PRO B 122 -15.86 3.38 30.80
C PRO B 122 -15.15 4.22 29.75
N LEU B 123 -14.85 5.47 30.11
CA LEU B 123 -14.15 6.40 29.23
C LEU B 123 -12.94 6.95 29.94
N GLN B 124 -11.79 6.94 29.27
CA GLN B 124 -10.56 7.48 29.83
C GLN B 124 -10.54 9.00 29.66
N ALA B 125 -9.39 9.61 29.90
CA ALA B 125 -9.26 11.06 29.78
C ALA B 125 -9.41 11.46 28.33
N GLY B 126 -10.46 12.23 28.03
CA GLY B 126 -10.72 12.67 26.67
C GLY B 126 -11.29 11.62 25.74
N GLU B 127 -11.55 10.41 26.24
CA GLU B 127 -12.14 9.37 25.41
C GLU B 127 -13.62 9.62 25.24
N ARG B 128 -14.07 9.65 23.99
CA ARG B 128 -15.47 9.87 23.65
C ARG B 128 -16.02 8.66 22.93
N ILE B 129 -17.30 8.37 23.17
CA ILE B 129 -18.01 7.39 22.35
C ILE B 129 -18.32 8.05 21.01
N THR B 130 -17.85 7.44 19.93
CA THR B 130 -17.95 8.05 18.60
C THR B 130 -19.12 7.51 17.79
N SER B 131 -19.55 6.28 18.04
CA SER B 131 -20.64 5.70 17.28
C SER B 131 -21.23 4.54 18.08
N VAL B 132 -22.54 4.34 17.92
CA VAL B 132 -23.23 3.21 18.52
C VAL B 132 -24.05 2.53 17.45
N ALA B 133 -24.30 1.24 17.64
CA ALA B 133 -25.11 0.45 16.72
C ALA B 133 -25.80 -0.65 17.49
N ALA B 134 -26.95 -1.09 16.97
CA ALA B 134 -27.73 -2.11 17.64
C ALA B 134 -28.55 -2.88 16.62
N THR B 135 -28.61 -4.20 16.81
CA THR B 135 -29.47 -5.07 16.06
C THR B 135 -30.44 -5.72 17.05
N PRO B 136 -31.43 -6.49 16.61
CA PRO B 136 -32.27 -7.21 17.57
C PRO B 136 -31.50 -8.16 18.47
N VAL B 137 -30.24 -8.46 18.16
CA VAL B 137 -29.51 -9.48 18.91
C VAL B 137 -28.17 -8.97 19.41
N ARG B 138 -27.72 -7.81 18.92
CA ARG B 138 -26.40 -7.30 19.27
C ARG B 138 -26.46 -5.80 19.51
N VAL B 139 -25.58 -5.34 20.41
CA VAL B 139 -25.39 -3.91 20.69
C VAL B 139 -23.90 -3.62 20.70
N ILE B 140 -23.47 -2.63 19.92
CA ILE B 140 -22.06 -2.31 19.74
C ILE B 140 -21.84 -0.85 20.13
N VAL B 141 -20.76 -0.59 20.84
CA VAL B 141 -20.35 0.76 21.23
C VAL B 141 -18.88 0.94 20.86
N GLY B 142 -18.58 2.01 20.14
CA GLY B 142 -17.22 2.32 19.73
C GLY B 142 -16.77 3.66 20.26
N THR B 143 -15.50 3.71 20.69
CA THR B 143 -14.94 4.91 21.31
C THR B 143 -13.91 5.55 20.39
N SER B 144 -13.41 6.71 20.81
CA SER B 144 -12.39 7.43 20.06
C SER B 144 -11.00 6.88 20.28
N LEU B 145 -10.81 6.03 21.28
CA LEU B 145 -9.54 5.35 21.51
C LEU B 145 -9.49 3.99 20.82
N GLY B 146 -10.58 3.56 20.19
CA GLY B 146 -10.60 2.30 19.50
C GLY B 146 -11.12 1.13 20.30
N TYR B 147 -11.93 1.39 21.33
CA TYR B 147 -12.49 0.32 22.15
C TYR B 147 -13.80 -0.15 21.53
N PHE B 148 -13.91 -1.47 21.36
CA PHE B 148 -15.05 -2.12 20.70
C PHE B 148 -15.78 -2.93 21.76
N ARG B 149 -16.78 -2.32 22.40
CA ARG B 149 -17.56 -2.96 23.45
C ARG B 149 -18.88 -3.45 22.86
N SER B 150 -19.11 -4.75 22.94
CA SER B 150 -20.29 -5.38 22.38
C SER B 150 -21.10 -6.09 23.45
N PHE B 151 -22.42 -6.09 23.28
CA PHE B 151 -23.34 -6.72 24.22
C PHE B 151 -24.43 -7.42 23.43
N ASN B 152 -25.19 -8.28 24.10
CA ASN B 152 -26.38 -8.85 23.49
C ASN B 152 -27.56 -7.90 23.70
N GLN B 153 -28.76 -8.34 23.26
CA GLN B 153 -29.93 -7.48 23.35
C GLN B 153 -30.36 -7.19 24.78
N PHE B 154 -29.80 -7.89 25.77
CA PHE B 154 -30.16 -7.67 27.17
C PHE B 154 -29.08 -6.95 27.96
N GLY B 155 -27.90 -6.74 27.40
CA GLY B 155 -26.84 -6.04 28.09
C GLY B 155 -25.73 -6.92 28.62
N VAL B 156 -25.70 -8.20 28.27
CA VAL B 156 -24.64 -9.09 28.71
C VAL B 156 -23.39 -8.79 27.91
N PRO B 157 -22.31 -8.34 28.55
CA PRO B 157 -21.13 -7.90 27.79
C PRO B 157 -20.37 -9.05 27.16
N PHE B 158 -19.79 -8.76 26.00
CA PHE B 158 -18.89 -9.66 25.30
C PHE B 158 -17.46 -9.26 25.64
N ALA B 159 -16.49 -9.87 24.94
CA ALA B 159 -15.11 -9.49 25.12
C ALA B 159 -14.91 -8.04 24.67
N VAL B 160 -14.00 -7.35 25.35
CA VAL B 160 -13.64 -5.97 25.02
C VAL B 160 -12.40 -6.01 24.14
N GLU B 161 -12.46 -5.32 23.00
CA GLU B 161 -11.39 -5.36 22.01
C GLU B 161 -10.79 -3.98 21.83
N LYS B 162 -9.49 -3.96 21.51
CA LYS B 162 -8.75 -2.75 21.23
C LYS B 162 -8.43 -2.73 19.74
N THR B 163 -9.02 -1.78 19.01
CA THR B 163 -8.76 -1.63 17.58
C THR B 163 -8.33 -0.21 17.27
N SER B 164 -8.36 0.16 16.00
CA SER B 164 -8.13 1.54 15.62
C SER B 164 -9.30 2.40 16.07
N PRO B 165 -9.07 3.70 16.30
CA PRO B 165 -10.17 4.60 16.65
C PRO B 165 -11.34 4.49 15.69
N ILE B 166 -12.53 4.26 16.24
CA ILE B 166 -13.73 4.05 15.45
C ILE B 166 -14.40 5.39 15.20
N VAL B 167 -14.84 5.60 13.96
CA VAL B 167 -15.56 6.82 13.60
C VAL B 167 -16.98 6.55 13.14
N ALA B 168 -17.30 5.33 12.70
CA ALA B 168 -18.63 5.02 12.22
C ALA B 168 -18.88 3.53 12.43
N LEU B 169 -20.11 3.20 12.87
CA LEU B 169 -20.50 1.84 13.13
C LEU B 169 -21.88 1.58 12.58
N THR B 170 -22.06 0.42 11.94
CA THR B 170 -23.39 -0.07 11.60
C THR B 170 -23.35 -1.59 11.72
N ALA B 171 -24.53 -2.17 11.94
CA ALA B 171 -24.59 -3.60 12.15
C ALA B 171 -25.91 -4.14 11.59
N GLN B 172 -25.91 -5.45 11.34
CA GLN B 172 -27.10 -6.14 10.83
C GLN B 172 -27.04 -7.57 11.31
N ASN B 173 -28.05 -7.97 12.08
CA ASN B 173 -28.09 -9.29 12.71
C ASN B 173 -26.87 -9.49 13.60
N TYR B 174 -25.95 -10.36 13.18
CA TYR B 174 -24.76 -10.68 13.97
C TYR B 174 -23.47 -10.13 13.38
N ARG B 175 -23.58 -9.30 12.34
CA ARG B 175 -22.42 -8.80 11.61
C ARG B 175 -22.27 -7.30 11.81
N VAL B 176 -21.02 -6.84 11.84
CA VAL B 176 -20.69 -5.45 12.15
C VAL B 176 -19.82 -4.89 11.03
N PHE B 177 -20.14 -3.68 10.58
CA PHE B 177 -19.35 -2.92 9.63
C PHE B 177 -18.81 -1.68 10.35
N SER B 178 -17.51 -1.65 10.60
CA SER B 178 -16.88 -0.59 11.36
C SER B 178 -15.94 0.23 10.46
N VAL B 179 -15.92 1.53 10.69
CA VAL B 179 -15.04 2.44 9.96
C VAL B 179 -14.07 3.04 10.97
N HIS B 180 -12.77 2.89 10.70
CA HIS B 180 -11.73 3.37 11.60
C HIS B 180 -10.95 4.50 10.94
N TYR B 181 -10.31 5.32 11.77
CA TYR B 181 -9.53 6.44 11.28
C TYR B 181 -8.29 6.63 12.15
N SER B 182 -7.20 7.04 11.51
CA SER B 182 -5.97 7.36 12.21
C SER B 182 -5.21 8.40 11.40
N GLN B 183 -4.21 9.00 12.03
CA GLN B 183 -3.30 9.89 11.31
C GLN B 183 -2.25 9.11 10.52
N PHE B 184 -2.23 7.79 10.65
CA PHE B 184 -1.24 6.95 9.98
C PHE B 184 -1.86 6.26 8.77
N HIS B 185 -2.71 5.26 9.03
CA HIS B 185 -3.33 4.51 7.94
C HIS B 185 -4.37 5.32 7.19
N GLY B 186 -4.95 6.33 7.82
CA GLY B 186 -6.01 7.10 7.20
C GLY B 186 -7.38 6.51 7.51
N LEU B 187 -8.15 6.22 6.47
CA LEU B 187 -9.51 5.70 6.61
C LEU B 187 -9.52 4.22 6.24
N SER B 188 -9.89 3.37 7.19
CA SER B 188 -10.00 1.94 6.97
C SER B 188 -11.36 1.45 7.45
N TYR B 189 -11.68 0.21 7.06
CA TYR B 189 -12.95 -0.42 7.44
C TYR B 189 -12.68 -1.85 7.87
N SER B 190 -13.49 -2.35 8.80
CA SER B 190 -13.44 -3.74 9.22
C SER B 190 -14.83 -4.35 9.14
N LEU B 191 -14.89 -5.61 8.72
CA LEU B 191 -16.15 -6.33 8.58
C LEU B 191 -16.06 -7.62 9.41
N SER B 192 -16.90 -7.74 10.43
CA SER B 192 -16.80 -8.81 11.40
C SER B 192 -18.17 -9.36 11.75
N GLU B 193 -18.16 -10.52 12.42
CA GLU B 193 -19.37 -11.18 12.90
C GLU B 193 -19.22 -11.48 14.38
N LEU B 194 -20.21 -11.05 15.18
CA LEU B 194 -20.20 -11.23 16.63
C LEU B 194 -20.87 -12.56 16.97
N GLY B 195 -20.06 -13.63 16.99
CA GLY B 195 -20.56 -14.95 17.31
C GLY B 195 -20.93 -15.09 18.77
N THR B 196 -21.41 -16.30 19.11
CA THR B 196 -21.82 -16.57 20.49
C THR B 196 -20.63 -16.57 21.43
N SER B 197 -19.46 -16.99 20.95
CA SER B 197 -18.26 -17.04 21.79
C SER B 197 -17.51 -15.70 21.72
N SER B 198 -16.88 -15.43 20.59
CA SER B 198 -16.06 -14.24 20.41
C SER B 198 -16.33 -13.63 19.05
N LYS B 199 -15.58 -12.59 18.73
CA LYS B 199 -15.71 -11.84 17.48
C LYS B 199 -14.78 -12.43 16.42
N ARG B 200 -15.30 -12.63 15.22
CA ARG B 200 -14.55 -13.16 14.10
C ARG B 200 -14.59 -12.16 12.96
N TYR B 201 -13.45 -11.92 12.34
CA TYR B 201 -13.30 -10.90 11.30
C TYR B 201 -13.41 -11.52 9.91
N TYR B 202 -14.28 -10.94 9.08
CA TYR B 202 -14.24 -11.22 7.64
C TYR B 202 -13.15 -10.39 6.97
N LYS B 203 -13.02 -9.13 7.38
CA LYS B 203 -12.01 -8.20 6.87
C LYS B 203 -11.56 -7.34 8.04
N ARG B 204 -10.26 -7.13 8.18
CA ARG B 204 -9.72 -6.34 9.29
C ARG B 204 -8.93 -5.15 8.74
N GLU B 205 -9.50 -3.96 8.88
CA GLU B 205 -8.82 -2.69 8.62
C GLU B 205 -8.20 -2.66 7.22
N CYS B 206 -9.05 -2.92 6.21
CA CYS B 206 -8.68 -2.74 4.83
C CYS B 206 -8.96 -1.30 4.39
N PRO B 207 -8.35 -0.85 3.29
CA PRO B 207 -8.58 0.54 2.85
C PRO B 207 -10.05 0.80 2.56
N LEU B 208 -10.51 1.98 2.97
CA LEU B 208 -11.86 2.44 2.66
C LEU B 208 -11.75 3.60 1.68
N PRO B 209 -11.96 3.37 0.39
CA PRO B 209 -11.69 4.41 -0.61
C PRO B 209 -12.79 5.45 -0.73
N MET B 210 -13.43 5.80 0.38
CA MET B 210 -14.47 6.81 0.33
C MET B 210 -13.87 8.19 0.14
N SER B 211 -14.48 8.99 -0.73
CA SER B 211 -13.99 10.33 -0.98
C SER B 211 -14.24 11.22 0.23
N LEU B 212 -13.20 11.92 0.68
CA LEU B 212 -13.29 12.84 1.79
C LEU B 212 -13.74 14.22 1.32
N PRO B 213 -14.38 15.00 2.18
CA PRO B 213 -14.85 16.33 1.77
C PRO B 213 -13.69 17.25 1.41
N ASN B 214 -13.98 18.19 0.51
CA ASN B 214 -13.01 19.19 0.05
C ASN B 214 -13.54 20.56 0.45
N ILE B 215 -13.10 21.06 1.59
CA ILE B 215 -13.58 22.33 2.15
C ILE B 215 -12.64 23.44 1.71
N ASN B 216 -13.22 24.56 1.27
CA ASN B 216 -12.47 25.68 0.73
C ASN B 216 -12.40 26.81 1.77
N SER B 217 -11.94 27.99 1.34
CA SER B 217 -11.97 29.18 2.18
C SER B 217 -13.30 29.91 2.09
N ASP B 218 -13.98 29.81 0.95
CA ASP B 218 -15.33 30.35 0.83
C ASP B 218 -16.35 29.50 1.59
N MET B 219 -15.99 28.27 1.94
CA MET B 219 -16.86 27.44 2.76
C MET B 219 -16.98 27.96 4.19
N LYS B 220 -16.08 28.84 4.62
CA LYS B 220 -16.15 29.41 5.95
C LYS B 220 -17.36 30.33 6.13
N LYS B 221 -18.03 30.70 5.03
CA LYS B 221 -19.31 31.39 5.09
C LYS B 221 -20.40 30.65 4.31
N ASP B 222 -20.09 29.46 3.79
CA ASP B 222 -21.08 28.62 3.14
C ASP B 222 -22.15 28.20 4.14
N ALA B 223 -23.35 27.94 3.63
CA ALA B 223 -24.45 27.55 4.50
C ALA B 223 -24.33 26.11 4.99
N ASN B 224 -23.58 25.26 4.28
CA ASN B 224 -23.43 23.86 4.65
C ASN B 224 -22.13 23.57 5.38
N LEU B 225 -21.43 24.61 5.86
CA LEU B 225 -20.22 24.37 6.65
C LEU B 225 -20.54 23.68 7.97
N ASP B 226 -21.70 23.97 8.56
CA ASP B 226 -22.07 23.40 9.85
C ASP B 226 -22.10 21.88 9.81
N TYR B 227 -22.42 21.30 8.65
CA TYR B 227 -22.47 19.84 8.57
C TYR B 227 -21.08 19.24 8.69
N TYR B 228 -20.13 19.76 7.92
CA TYR B 228 -18.78 19.20 7.92
C TYR B 228 -18.02 19.52 9.19
N ASN B 229 -18.53 20.41 10.04
CA ASN B 229 -18.02 20.53 11.40
C ASN B 229 -18.66 19.49 12.32
N PHE B 230 -19.92 19.13 12.05
CA PHE B 230 -20.61 18.10 12.80
C PHE B 230 -20.24 16.69 12.34
N ASN B 231 -19.86 16.55 11.07
CA ASN B 231 -19.44 15.26 10.52
C ASN B 231 -18.22 15.52 9.64
N PRO B 232 -17.02 15.51 10.23
CA PRO B 232 -15.82 15.82 9.44
C PRO B 232 -15.56 14.85 8.31
N MET B 233 -15.81 13.55 8.53
CA MET B 233 -15.55 12.56 7.50
C MET B 233 -16.48 12.70 6.30
N GLY B 234 -17.62 13.35 6.47
CA GLY B 234 -18.59 13.44 5.41
C GLY B 234 -19.42 12.20 5.18
N ILE B 235 -19.33 11.20 6.06
CA ILE B 235 -20.12 9.99 5.94
C ILE B 235 -21.57 10.32 6.24
N LYS B 236 -22.36 10.58 5.18
CA LYS B 236 -23.76 10.91 5.38
C LYS B 236 -24.53 9.75 5.99
N SER B 237 -24.24 8.53 5.56
CA SER B 237 -24.81 7.33 6.18
C SER B 237 -24.03 6.11 5.70
N LEU B 238 -24.15 5.04 6.47
CA LEU B 238 -23.60 3.75 6.08
C LEU B 238 -24.50 2.66 6.67
N PHE B 239 -24.60 1.54 5.96
CA PHE B 239 -25.54 0.50 6.35
C PHE B 239 -25.27 -0.76 5.54
N PHE B 240 -25.81 -1.86 6.03
CA PHE B 240 -25.89 -3.08 5.24
C PHE B 240 -27.07 -2.99 4.28
N SER B 241 -26.91 -3.61 3.10
CA SER B 241 -27.99 -3.70 2.15
C SER B 241 -29.07 -4.66 2.65
N SER B 242 -30.18 -4.71 1.93
CA SER B 242 -31.25 -5.64 2.28
C SER B 242 -30.78 -7.08 2.20
N TYR B 243 -29.79 -7.36 1.34
CA TYR B 243 -29.24 -8.70 1.20
C TYR B 243 -27.92 -8.88 1.94
N GLY B 244 -27.52 -7.90 2.76
CA GLY B 244 -26.39 -8.08 3.64
C GLY B 244 -25.04 -7.66 3.11
N ASP B 245 -24.99 -6.68 2.21
CA ASP B 245 -23.74 -6.20 1.65
C ASP B 245 -23.43 -4.80 2.19
N PRO B 246 -22.21 -4.56 2.67
CA PRO B 246 -21.89 -3.25 3.26
C PRO B 246 -21.97 -2.13 2.23
N CYS B 247 -22.55 -1.00 2.65
CA CYS B 247 -22.68 0.19 1.82
C CYS B 247 -22.26 1.42 2.60
N ILE B 248 -21.86 2.45 1.88
CA ILE B 248 -21.47 3.72 2.48
C ILE B 248 -21.79 4.84 1.48
N PHE B 249 -22.11 6.01 2.02
CA PHE B 249 -22.57 7.16 1.25
C PHE B 249 -21.78 8.38 1.72
N GLY B 250 -20.69 8.68 1.04
CA GLY B 250 -19.81 9.77 1.43
C GLY B 250 -20.33 11.13 0.99
N SER B 251 -19.49 12.14 1.21
CA SER B 251 -19.86 13.51 0.85
C SER B 251 -19.94 13.71 -0.65
N ASP B 252 -19.34 12.83 -1.45
CA ASP B 252 -19.44 12.91 -2.90
C ASP B 252 -20.77 12.36 -3.41
N ASN B 253 -21.67 11.96 -2.51
CA ASN B 253 -23.02 11.51 -2.87
C ASN B 253 -22.99 10.32 -3.83
N THR B 254 -22.04 9.41 -3.61
CA THR B 254 -21.90 8.21 -4.42
C THR B 254 -22.05 6.99 -3.52
N LEU B 255 -22.98 6.10 -3.87
CA LEU B 255 -23.24 4.90 -3.09
C LEU B 255 -22.18 3.85 -3.41
N LEU B 256 -21.37 3.49 -2.42
CA LEU B 256 -20.32 2.51 -2.57
C LEU B 256 -20.75 1.20 -1.91
N LEU B 257 -20.75 0.12 -2.67
CA LEU B 257 -21.07 -1.21 -2.16
C LEU B 257 -19.82 -2.07 -2.18
N LEU B 258 -19.64 -2.87 -1.13
CA LEU B 258 -18.49 -3.75 -0.99
C LEU B 258 -18.82 -5.10 -1.60
N SER B 259 -18.12 -5.45 -2.69
CA SER B 259 -18.33 -6.70 -3.39
C SER B 259 -17.27 -7.72 -2.98
N LYS B 260 -17.69 -8.99 -2.93
CA LYS B 260 -16.79 -10.11 -2.66
C LYS B 260 -16.06 -9.91 -1.32
N TRP B 261 -16.81 -9.51 -0.30
CA TRP B 261 -16.21 -9.31 1.02
C TRP B 261 -15.95 -10.62 1.74
N ARG B 262 -16.48 -11.74 1.25
CA ARG B 262 -16.19 -13.03 1.85
C ARG B 262 -14.84 -13.58 1.40
N SER B 263 -14.37 -13.17 0.22
CA SER B 263 -13.06 -13.56 -0.28
C SER B 263 -12.12 -12.36 -0.16
N PRO B 264 -11.21 -12.35 0.82
CA PRO B 264 -10.41 -11.15 1.05
C PRO B 264 -9.61 -10.67 -0.16
N GLU B 265 -8.97 -11.59 -0.88
CA GLU B 265 -8.16 -11.20 -2.04
C GLU B 265 -8.99 -10.69 -3.20
N GLU B 266 -10.32 -10.75 -3.10
CA GLU B 266 -11.20 -10.30 -4.17
C GLU B 266 -12.10 -9.14 -3.76
N SER B 267 -11.84 -8.52 -2.61
CA SER B 267 -12.69 -7.45 -2.11
C SER B 267 -12.62 -6.24 -3.02
N LYS B 268 -13.79 -5.73 -3.41
CA LYS B 268 -13.88 -4.56 -4.28
C LYS B 268 -14.99 -3.66 -3.77
N TRP B 269 -14.73 -2.36 -3.78
CA TRP B 269 -15.75 -1.35 -3.53
C TRP B 269 -16.28 -0.86 -4.86
N LEU B 270 -17.58 -1.09 -5.10
CA LEU B 270 -18.17 -0.77 -6.38
C LEU B 270 -19.08 0.45 -6.27
N PRO B 271 -18.81 1.54 -7.00
CA PRO B 271 -19.78 2.65 -7.06
C PRO B 271 -20.97 2.25 -7.91
N ILE B 272 -22.15 2.24 -7.29
CA ILE B 272 -23.36 1.76 -7.95
C ILE B 272 -24.41 2.84 -8.12
N LEU B 273 -24.14 4.07 -7.67
CA LEU B 273 -25.13 5.14 -7.80
C LEU B 273 -24.44 6.49 -7.65
N ASP B 274 -24.53 7.32 -8.69
CA ASP B 274 -24.13 8.72 -8.62
C ASP B 274 -25.41 9.54 -8.51
N SER B 275 -25.83 9.79 -7.26
CA SER B 275 -27.11 10.46 -7.02
C SER B 275 -27.14 11.85 -7.65
N ASN B 276 -25.99 12.53 -7.71
CA ASN B 276 -25.94 13.82 -8.40
C ASN B 276 -26.25 13.66 -9.88
N MET B 277 -25.78 12.56 -10.49
CA MET B 277 -26.05 12.32 -11.90
C MET B 277 -27.54 12.02 -12.12
N GLU B 278 -28.16 11.28 -11.20
CA GLU B 278 -29.57 10.95 -11.34
C GLU B 278 -30.44 12.21 -11.27
N ILE B 279 -30.25 13.01 -10.23
CA ILE B 279 -30.99 14.27 -10.10
C ILE B 279 -30.83 15.13 -11.35
N TRP B 280 -29.62 15.13 -11.93
CA TRP B 280 -29.40 15.84 -13.18
C TRP B 280 -30.28 15.26 -14.30
N LYS B 281 -30.44 13.94 -14.33
CA LYS B 281 -31.26 13.32 -15.35
C LYS B 281 -32.76 13.53 -15.08
N MET B 282 -33.16 13.55 -13.82
CA MET B 282 -34.57 13.76 -13.51
C MET B 282 -35.00 15.20 -13.70
N SER B 283 -34.06 16.15 -13.61
CA SER B 283 -34.35 17.57 -13.78
C SER B 283 -34.28 18.02 -15.23
N GLY B 284 -34.23 17.09 -16.18
CA GLY B 284 -34.15 17.47 -17.58
C GLY B 284 -32.81 18.02 -18.00
N GLY B 285 -31.73 17.54 -17.40
CA GLY B 285 -30.40 17.99 -17.73
C GLY B 285 -30.00 19.35 -17.18
N LYS B 286 -30.83 19.94 -16.31
CA LYS B 286 -30.55 21.26 -15.76
C LYS B 286 -29.82 21.11 -14.42
N GLU B 287 -28.72 21.83 -14.27
CA GLU B 287 -27.92 21.79 -13.05
C GLU B 287 -28.67 22.50 -11.92
N THR B 288 -29.07 21.75 -10.91
CA THR B 288 -29.77 22.31 -9.76
C THR B 288 -28.79 22.49 -8.60
N THR B 289 -29.09 23.46 -7.75
CA THR B 289 -28.29 23.72 -6.56
C THR B 289 -29.13 23.64 -5.28
N ASP B 290 -30.32 23.06 -5.36
CA ASP B 290 -31.21 22.98 -4.21
C ASP B 290 -31.69 21.58 -3.88
N ILE B 291 -31.41 20.58 -4.70
CA ILE B 291 -31.89 19.22 -4.49
C ILE B 291 -30.72 18.33 -4.06
N HIS B 292 -30.89 17.63 -2.95
CA HIS B 292 -29.86 16.74 -2.42
C HIS B 292 -30.52 15.44 -1.96
N VAL B 293 -29.71 14.41 -1.83
CA VAL B 293 -30.17 13.07 -1.45
C VAL B 293 -29.67 12.77 -0.05
N TRP B 294 -30.54 12.20 0.78
CA TRP B 294 -30.18 11.75 2.11
C TRP B 294 -30.44 10.26 2.21
N PRO B 295 -29.42 9.42 2.30
CA PRO B 295 -29.62 7.97 2.17
C PRO B 295 -30.18 7.34 3.44
N LEU B 296 -31.11 6.40 3.26
CA LEU B 296 -31.67 5.63 4.36
C LEU B 296 -31.20 4.18 4.33
N ALA B 297 -31.46 3.48 3.23
CA ALA B 297 -31.04 2.09 3.09
C ALA B 297 -31.07 1.72 1.61
N LEU B 298 -30.55 0.53 1.31
CA LEU B 298 -30.53 -0.02 -0.04
C LEU B 298 -31.35 -1.30 -0.05
N ALA B 299 -32.40 -1.33 -0.86
CA ALA B 299 -33.26 -2.51 -1.00
C ALA B 299 -33.00 -3.12 -2.38
N TYR B 300 -32.19 -4.18 -2.39
CA TYR B 300 -31.85 -4.91 -3.61
C TYR B 300 -31.19 -3.98 -4.62
N ASP B 301 -32.01 -3.26 -5.41
CA ASP B 301 -31.51 -2.35 -6.42
C ASP B 301 -32.03 -0.93 -6.24
N THR B 302 -32.70 -0.64 -5.14
CA THR B 302 -33.37 0.63 -4.92
C THR B 302 -32.82 1.27 -3.66
N LEU B 303 -32.47 2.56 -3.75
CA LEU B 303 -31.96 3.33 -2.62
C LEU B 303 -33.12 4.09 -1.98
N ASN B 304 -33.54 3.63 -0.81
N ASN B 304 -33.54 3.63 -0.81
CA ASN B 304 -34.49 4.39 -0.01
CA ASN B 304 -34.50 4.39 -0.02
C ASN B 304 -33.81 5.65 0.52
C ASN B 304 -33.83 5.64 0.53
N CYS B 305 -34.41 6.80 0.26
CA CYS B 305 -33.77 8.06 0.59
C CYS B 305 -34.82 9.13 0.88
N ILE B 306 -34.33 10.32 1.25
CA ILE B 306 -35.14 11.51 1.48
C ILE B 306 -34.67 12.58 0.51
N LEU B 307 -35.60 13.11 -0.29
CA LEU B 307 -35.29 14.17 -1.24
C LEU B 307 -35.42 15.52 -0.52
N VAL B 308 -34.29 16.20 -0.35
CA VAL B 308 -34.24 17.46 0.38
C VAL B 308 -34.18 18.62 -0.63
N LYS B 309 -35.12 19.55 -0.52
CA LYS B 309 -35.12 20.78 -1.29
C LYS B 309 -34.87 21.95 -0.36
N GLY B 310 -33.87 22.75 -0.66
CA GLY B 310 -33.55 23.92 0.14
C GLY B 310 -32.08 24.24 0.09
N LYS B 311 -31.69 25.23 0.89
CA LYS B 311 -30.30 25.67 0.91
C LYS B 311 -29.40 24.62 1.55
N HIS B 312 -29.89 23.93 2.57
CA HIS B 312 -29.08 22.95 3.29
C HIS B 312 -29.19 21.57 2.63
N ILE B 313 -28.13 20.77 2.79
CA ILE B 313 -28.08 19.45 2.18
C ILE B 313 -28.69 18.37 3.06
N TRP B 314 -29.04 18.70 4.29
CA TRP B 314 -29.63 17.73 5.20
C TRP B 314 -31.11 18.02 5.41
N PRO B 315 -31.92 16.99 5.67
CA PRO B 315 -33.36 17.21 5.85
C PRO B 315 -33.65 17.97 7.14
N GLU B 316 -34.66 18.82 7.08
CA GLU B 316 -35.15 19.54 8.25
C GLU B 316 -36.63 19.20 8.45
N PHE B 317 -37.26 19.92 9.37
CA PHE B 317 -38.62 19.61 9.79
C PHE B 317 -39.64 20.44 9.01
N PRO B 318 -40.73 19.80 8.55
CA PRO B 318 -41.02 18.38 8.70
C PRO B 318 -40.33 17.49 7.66
N LEU B 319 -40.18 16.22 7.98
CA LEU B 319 -39.51 15.28 7.08
C LEU B 319 -40.43 14.87 5.95
N PRO B 320 -40.00 14.97 4.69
CA PRO B 320 -40.83 14.50 3.59
C PRO B 320 -41.00 12.98 3.64
N LEU B 321 -41.87 12.49 2.77
CA LEU B 321 -42.05 11.05 2.64
C LEU B 321 -40.83 10.45 1.92
N PRO B 322 -40.40 9.25 2.32
CA PRO B 322 -39.23 8.64 1.68
C PRO B 322 -39.46 8.42 0.19
N SER B 323 -38.40 8.61 -0.59
CA SER B 323 -38.40 8.37 -2.02
C SER B 323 -37.54 7.14 -2.32
N GLU B 324 -37.65 6.66 -3.56
CA GLU B 324 -36.96 5.45 -3.99
C GLU B 324 -36.19 5.73 -5.27
N MET B 325 -34.87 5.62 -5.20
CA MET B 325 -33.98 5.87 -6.33
C MET B 325 -33.30 4.57 -6.73
N GLU B 326 -33.57 4.10 -7.94
CA GLU B 326 -32.92 2.90 -8.45
C GLU B 326 -31.44 3.17 -8.71
N ILE B 327 -30.60 2.18 -8.40
CA ILE B 327 -29.16 2.35 -8.60
C ILE B 327 -28.84 2.27 -10.09
N ARG B 328 -27.88 3.09 -10.52
CA ARG B 328 -27.43 3.13 -11.90
C ARG B 328 -25.90 3.16 -11.92
N MET B 329 -25.31 2.27 -12.71
CA MET B 329 -23.86 2.22 -12.81
C MET B 329 -23.34 3.52 -13.41
N PRO B 330 -22.35 4.17 -12.79
CA PRO B 330 -21.84 5.45 -13.33
C PRO B 330 -21.13 5.29 -14.66
N VAL B 331 -21.89 5.09 -15.73
CA VAL B 331 -21.35 4.98 -17.08
C VAL B 331 -22.01 5.98 -18.03
N PHE B 332 -22.78 6.93 -17.50
CA PHE B 332 -23.48 7.91 -18.31
C PHE B 332 -22.67 9.21 -18.36
N VAL B 333 -22.51 9.74 -19.57
CA VAL B 333 -21.79 10.99 -19.79
C VAL B 333 -22.81 12.09 -20.07
N LYS B 334 -22.65 13.23 -19.40
CA LYS B 334 -23.60 14.32 -19.58
C LYS B 334 -23.62 14.82 -21.02
N SER B 335 -22.44 14.99 -21.62
CA SER B 335 -22.38 15.52 -22.99
C SER B 335 -23.09 14.61 -23.98
N LYS B 336 -22.89 13.29 -23.85
CA LYS B 336 -23.57 12.37 -24.76
C LYS B 336 -25.07 12.34 -24.51
N LEU B 337 -25.49 12.51 -23.27
CA LEU B 337 -26.92 12.51 -22.98
C LEU B 337 -27.62 13.75 -23.54
N LEU B 338 -26.94 14.90 -23.53
CA LEU B 338 -27.53 16.12 -24.07
C LEU B 338 -27.69 16.03 -25.59
N GLU B 339 -26.74 15.39 -26.27
CA GLU B 339 -26.80 15.29 -27.73
C GLU B 339 -27.88 14.31 -28.16
N GLU B 340 -28.02 13.20 -27.44
CA GLU B 340 -29.03 12.20 -27.79
C GLU B 340 -30.44 12.72 -27.56
N ASN B 341 -30.61 13.64 -26.61
CA ASN B 341 -31.91 14.22 -26.34
C ASN B 341 -32.33 15.25 -27.37
N LYS B 342 -31.38 15.80 -28.13
CA LYS B 342 -31.71 16.76 -29.18
C LYS B 342 -32.04 16.05 -30.48
N GLU B 365 -38.15 14.08 -18.84
CA GLU B 365 -36.95 13.40 -18.34
C GLU B 365 -35.92 13.28 -19.45
N ILE B 366 -34.65 13.12 -19.06
CA ILE B 366 -33.57 12.99 -20.02
C ILE B 366 -33.68 11.64 -20.72
N GLN B 367 -33.87 11.67 -22.03
CA GLN B 367 -33.97 10.45 -22.81
C GLN B 367 -32.59 9.82 -22.97
N ILE B 368 -32.48 8.54 -22.64
CA ILE B 368 -31.22 7.82 -22.68
C ILE B 368 -31.19 6.95 -23.91
N PRO B 369 -30.13 7.00 -24.73
CA PRO B 369 -30.06 6.11 -25.89
C PRO B 369 -30.02 4.65 -25.47
N VAL B 370 -30.82 3.83 -26.17
CA VAL B 370 -30.92 2.41 -25.82
C VAL B 370 -29.57 1.72 -25.94
N SER B 371 -28.75 2.13 -26.90
CA SER B 371 -27.42 1.55 -27.05
C SER B 371 -26.57 1.81 -25.81
N MET B 372 -26.65 3.03 -25.26
CA MET B 372 -25.90 3.34 -24.04
C MET B 372 -26.60 2.78 -22.81
N ALA B 373 -27.94 2.79 -22.81
CA ALA B 373 -28.69 2.27 -21.67
C ALA B 373 -28.55 0.77 -21.54
N ALA B 374 -28.36 0.07 -22.66
CA ALA B 374 -28.13 -1.38 -22.58
C ALA B 374 -26.79 -1.71 -21.94
N GLU B 375 -25.79 -0.86 -22.15
CA GLU B 375 -24.49 -1.08 -21.50
C GLU B 375 -24.61 -0.94 -19.99
N GLU B 376 -25.39 0.03 -19.52
CA GLU B 376 -25.58 0.19 -18.08
C GLU B 376 -26.40 -0.96 -17.51
N GLU B 377 -27.46 -1.37 -18.20
CA GLU B 377 -28.29 -2.47 -17.70
C GLU B 377 -27.51 -3.78 -17.66
N TYR B 378 -26.59 -3.97 -18.61
CA TYR B 378 -25.73 -5.15 -18.57
C TYR B 378 -24.81 -5.12 -17.36
N LEU B 379 -24.13 -3.99 -17.15
CA LEU B 379 -23.23 -3.86 -16.01
C LEU B 379 -23.98 -3.99 -14.69
N ARG B 380 -25.10 -3.29 -14.57
CA ARG B 380 -25.87 -3.33 -13.32
C ARG B 380 -26.34 -4.75 -13.01
N SER B 381 -26.86 -5.45 -14.01
CA SER B 381 -27.30 -6.82 -13.80
C SER B 381 -26.15 -7.73 -13.42
N LYS B 382 -25.00 -7.57 -14.08
CA LYS B 382 -23.82 -8.37 -13.75
C LYS B 382 -23.43 -8.19 -12.30
N VAL B 383 -23.43 -6.95 -11.82
CA VAL B 383 -23.04 -6.68 -10.43
C VAL B 383 -24.06 -7.26 -9.46
N LEU B 384 -25.35 -6.98 -9.70
CA LEU B 384 -26.39 -7.49 -8.81
C LEU B 384 -26.42 -9.01 -8.81
N SER B 385 -26.28 -9.62 -9.98
CA SER B 385 -26.26 -11.09 -10.05
C SER B 385 -25.08 -11.67 -9.29
N GLU B 386 -23.91 -11.06 -9.45
CA GLU B 386 -22.71 -11.57 -8.78
C GLU B 386 -22.84 -11.48 -7.26
N LEU B 387 -23.47 -10.42 -6.76
CA LEU B 387 -23.62 -10.26 -5.32
C LEU B 387 -24.62 -11.25 -4.76
N LEU B 388 -25.79 -11.36 -5.39
CA LEU B 388 -26.82 -12.26 -4.89
C LEU B 388 -26.40 -13.72 -4.97
N THR B 389 -25.58 -14.06 -5.98
CA THR B 389 -25.08 -15.44 -6.07
C THR B 389 -24.16 -15.77 -4.91
N ASP B 390 -23.24 -14.87 -4.57
CA ASP B 390 -22.38 -15.09 -3.41
C ASP B 390 -23.20 -15.17 -2.13
N THR B 391 -24.28 -14.38 -2.05
CA THR B 391 -25.12 -14.39 -0.85
C THR B 391 -25.81 -15.73 -0.66
N LEU B 392 -26.35 -16.30 -1.73
CA LEU B 392 -27.10 -17.55 -1.61
C LEU B 392 -26.19 -18.75 -1.41
N GLU B 393 -24.93 -18.68 -1.85
CA GLU B 393 -24.02 -19.82 -1.71
C GLU B 393 -23.38 -19.92 -0.33
N ASN B 394 -23.53 -18.90 0.51
CA ASN B 394 -22.93 -18.88 1.83
C ASN B 394 -23.95 -18.74 2.94
N ASP B 395 -24.98 -17.92 2.76
CA ASP B 395 -26.00 -17.68 3.77
C ASP B 395 -27.36 -18.28 3.41
N GLY B 396 -27.52 -18.82 2.20
CA GLY B 396 -28.82 -19.33 1.81
C GLY B 396 -29.76 -18.16 1.57
N GLU B 397 -31.04 -18.44 1.69
CA GLU B 397 -32.04 -17.39 1.52
C GLU B 397 -32.33 -16.74 2.86
N MET B 398 -32.90 -15.54 2.79
CA MET B 398 -33.29 -14.79 3.98
C MET B 398 -34.71 -14.26 3.90
N TYR B 399 -35.28 -14.11 2.71
CA TYR B 399 -36.64 -13.63 2.54
C TYR B 399 -37.56 -14.66 1.89
N GLY B 400 -37.02 -15.62 1.15
CA GLY B 400 -37.79 -16.70 0.56
C GLY B 400 -37.97 -16.63 -0.94
N ASN B 401 -37.66 -15.50 -1.56
CA ASN B 401 -37.86 -15.32 -3.00
C ASN B 401 -36.55 -15.03 -3.74
N GLU B 402 -35.40 -15.14 -3.07
CA GLU B 402 -34.12 -14.77 -3.69
C GLU B 402 -33.86 -15.57 -4.97
N ASN B 403 -34.13 -16.87 -4.94
CA ASN B 403 -33.91 -17.69 -6.14
C ASN B 403 -34.75 -17.20 -7.31
N GLU B 404 -35.94 -16.66 -7.05
CA GLU B 404 -36.74 -16.09 -8.12
C GLU B 404 -36.16 -14.76 -8.57
N VAL B 405 -35.61 -13.97 -7.64
CA VAL B 405 -34.98 -12.71 -7.99
C VAL B 405 -33.74 -12.93 -8.85
N LEU B 406 -32.87 -13.85 -8.42
CA LEU B 406 -31.67 -14.15 -9.18
C LEU B 406 -32.00 -14.69 -10.57
N ALA B 407 -33.10 -15.45 -10.68
CA ALA B 407 -33.50 -16.00 -11.97
C ALA B 407 -33.82 -14.88 -12.96
N ALA B 408 -34.71 -13.96 -12.56
CA ALA B 408 -35.03 -12.83 -13.43
C ALA B 408 -33.84 -11.91 -13.59
N LEU B 409 -32.95 -11.88 -12.59
CA LEU B 409 -31.76 -11.03 -12.68
C LEU B 409 -30.82 -11.52 -13.77
N ASN B 410 -30.54 -12.83 -13.79
CA ASN B 410 -29.72 -13.39 -14.86
C ASN B 410 -30.42 -13.28 -16.20
N GLY B 411 -31.76 -13.31 -16.22
CA GLY B 411 -32.47 -13.13 -17.47
C GLY B 411 -32.29 -11.74 -18.03
N ALA B 412 -32.46 -10.71 -17.19
CA ALA B 412 -32.23 -9.34 -17.63
C ALA B 412 -30.77 -9.13 -18.00
N TYR B 413 -29.87 -9.91 -17.41
CA TYR B 413 -28.45 -9.85 -17.75
C TYR B 413 -28.24 -10.22 -19.21
N ASP B 414 -28.71 -11.40 -19.61
CA ASP B 414 -28.54 -11.85 -20.99
C ASP B 414 -29.32 -10.98 -21.97
N LYS B 415 -30.55 -10.59 -21.59
CA LYS B 415 -31.38 -9.79 -22.49
C LYS B 415 -30.71 -8.46 -22.80
N ALA B 416 -30.21 -7.77 -21.79
CA ALA B 416 -29.47 -6.54 -22.02
C ALA B 416 -28.17 -6.81 -22.74
N LEU B 417 -27.54 -7.95 -22.48
CA LEU B 417 -26.30 -8.30 -23.18
C LEU B 417 -26.55 -8.62 -24.64
N LEU B 418 -27.72 -9.18 -24.96
CA LEU B 418 -28.05 -9.44 -26.36
C LEU B 418 -28.29 -8.16 -27.13
N ARG B 419 -28.77 -7.11 -26.48
CA ARG B 419 -28.91 -5.82 -27.15
C ARG B 419 -27.56 -5.28 -27.59
N LEU B 420 -26.54 -5.41 -26.74
CA LEU B 420 -25.19 -5.03 -27.14
C LEU B 420 -24.72 -5.91 -28.29
N PHE B 421 -25.05 -7.19 -28.25
CA PHE B 421 -24.68 -8.10 -29.33
C PHE B 421 -25.35 -7.73 -30.65
N ALA B 422 -26.58 -7.24 -30.59
CA ALA B 422 -27.28 -6.82 -31.80
C ALA B 422 -26.63 -5.58 -32.41
N SER B 423 -26.32 -4.59 -31.57
CA SER B 423 -25.67 -3.38 -32.07
C SER B 423 -24.28 -3.67 -32.63
N ALA B 424 -23.59 -4.66 -32.07
CA ALA B 424 -22.29 -5.05 -32.60
C ALA B 424 -22.42 -5.68 -33.99
N CYS B 425 -23.43 -6.54 -34.18
CA CYS B 425 -23.66 -7.13 -35.49
C CYS B 425 -24.14 -6.08 -36.49
N SER B 426 -24.86 -5.06 -36.03
CA SER B 426 -25.32 -4.01 -36.93
C SER B 426 -24.16 -3.25 -37.55
N ASP B 427 -23.05 -3.11 -36.81
CA ASP B 427 -21.87 -2.41 -37.31
C ASP B 427 -20.84 -3.37 -37.91
N GLN B 428 -21.24 -4.61 -38.20
CA GLN B 428 -20.40 -5.62 -38.81
C GLN B 428 -19.15 -5.94 -37.98
N ASN B 429 -19.15 -5.58 -36.70
CA ASN B 429 -18.01 -5.82 -35.82
C ASN B 429 -18.13 -7.25 -35.28
N VAL B 430 -17.57 -8.20 -36.03
CA VAL B 430 -17.69 -9.61 -35.66
C VAL B 430 -16.93 -9.90 -34.36
N GLU B 431 -15.77 -9.28 -34.19
CA GLU B 431 -14.95 -9.56 -33.01
C GLU B 431 -15.63 -9.08 -31.73
N LYS B 432 -16.11 -7.83 -31.72
CA LYS B 432 -16.77 -7.32 -30.53
C LYS B 432 -18.03 -8.10 -30.21
N ALA B 433 -18.74 -8.59 -31.22
CA ALA B 433 -19.92 -9.39 -30.98
C ALA B 433 -19.57 -10.74 -30.35
N LEU B 434 -18.50 -11.37 -30.83
CA LEU B 434 -18.11 -12.67 -30.28
C LEU B 434 -17.70 -12.55 -28.82
N SER B 435 -16.99 -11.48 -28.47
CA SER B 435 -16.62 -11.27 -27.07
C SER B 435 -17.87 -11.08 -26.21
N LEU B 436 -18.88 -10.39 -26.75
CA LEU B 436 -20.12 -10.21 -26.01
C LEU B 436 -20.83 -11.55 -25.80
N ALA B 437 -20.79 -12.43 -26.81
CA ALA B 437 -21.45 -13.72 -26.69
C ALA B 437 -20.82 -14.59 -25.61
N HIS B 438 -19.51 -14.46 -25.40
CA HIS B 438 -18.83 -15.26 -24.39
C HIS B 438 -19.36 -14.97 -22.98
N GLU B 439 -19.82 -13.74 -22.75
CA GLU B 439 -20.31 -13.34 -21.43
C GLU B 439 -21.75 -13.77 -21.18
N LEU B 440 -22.41 -14.37 -22.16
CA LEU B 440 -23.77 -14.86 -21.97
C LEU B 440 -23.79 -16.03 -21.00
N LYS B 441 -24.84 -16.11 -20.19
CA LYS B 441 -24.95 -17.16 -19.17
C LYS B 441 -25.74 -18.36 -19.70
N GLN B 442 -27.05 -18.20 -19.86
CA GLN B 442 -27.91 -19.30 -20.24
C GLN B 442 -27.60 -19.78 -21.64
N ASP B 443 -27.69 -21.09 -21.85
CA ASP B 443 -27.51 -21.64 -23.20
C ASP B 443 -28.60 -21.17 -24.15
N ARG B 444 -29.81 -20.94 -23.63
CA ARG B 444 -30.88 -20.41 -24.46
C ARG B 444 -30.60 -18.99 -24.93
N ALA B 445 -29.73 -18.27 -24.23
CA ALA B 445 -29.28 -16.97 -24.73
C ALA B 445 -28.30 -17.12 -25.88
N LEU B 446 -27.48 -18.18 -25.85
CA LEU B 446 -26.59 -18.46 -26.98
C LEU B 446 -27.37 -18.76 -28.25
N THR B 447 -28.48 -19.51 -28.12
CA THR B 447 -29.32 -19.79 -29.27
C THR B 447 -29.90 -18.50 -29.86
N ALA B 448 -30.29 -17.56 -28.99
CA ALA B 448 -30.80 -16.28 -29.47
C ALA B 448 -29.72 -15.53 -30.24
N ALA B 449 -28.48 -15.57 -29.75
CA ALA B 449 -27.38 -14.91 -30.44
C ALA B 449 -27.12 -15.55 -31.80
N VAL B 450 -27.32 -16.87 -31.92
CA VAL B 450 -27.17 -17.53 -33.21
C VAL B 450 -28.19 -17.02 -34.20
N LYS B 451 -29.46 -16.95 -33.79
CA LYS B 451 -30.50 -16.48 -34.68
C LYS B 451 -30.30 -15.02 -35.06
N ILE B 452 -29.80 -14.21 -34.12
CA ILE B 452 -29.48 -12.83 -34.45
C ILE B 452 -28.35 -12.76 -35.47
N SER B 453 -27.34 -13.62 -35.31
CA SER B 453 -26.25 -13.66 -36.28
C SER B 453 -26.71 -14.15 -37.64
N GLU B 454 -27.67 -15.08 -37.67
CA GLU B 454 -28.23 -15.54 -38.95
C GLU B 454 -28.99 -14.42 -39.64
N ARG B 455 -29.78 -13.65 -38.88
CA ARG B 455 -30.52 -12.53 -39.46
C ARG B 455 -29.58 -11.45 -39.97
N ALA B 456 -28.40 -11.32 -39.36
CA ALA B 456 -27.39 -10.35 -39.79
C ALA B 456 -26.50 -10.88 -40.91
N GLU B 457 -26.72 -12.12 -41.35
CA GLU B 457 -25.96 -12.74 -42.43
C GLU B 457 -24.46 -12.76 -42.11
N LEU B 458 -24.14 -13.32 -40.94
CA LEU B 458 -22.76 -13.47 -40.48
C LEU B 458 -22.53 -14.96 -40.19
N PRO B 459 -22.35 -15.78 -41.24
CA PRO B 459 -22.23 -17.23 -41.00
C PRO B 459 -20.97 -17.61 -40.26
N SER B 460 -19.88 -16.86 -40.40
CA SER B 460 -18.66 -17.17 -39.66
C SER B 460 -18.89 -17.02 -38.16
N LEU B 461 -19.68 -16.02 -37.76
CA LEU B 461 -19.97 -15.83 -36.35
C LEU B 461 -20.87 -16.93 -35.82
N VAL B 462 -21.84 -17.38 -36.63
CA VAL B 462 -22.76 -18.43 -36.19
C VAL B 462 -22.00 -19.68 -35.81
N LYS B 463 -21.01 -20.07 -36.62
CA LYS B 463 -20.23 -21.26 -36.32
C LYS B 463 -19.43 -21.09 -35.04
N LYS B 464 -18.92 -19.88 -34.80
CA LYS B 464 -18.10 -19.64 -33.61
C LYS B 464 -18.94 -19.61 -32.34
N ILE B 465 -20.19 -19.12 -32.42
CA ILE B 465 -21.05 -19.13 -31.25
C ILE B 465 -21.44 -20.56 -30.88
N ASN B 466 -21.71 -21.40 -31.87
CA ASN B 466 -22.01 -22.80 -31.61
C ASN B 466 -20.82 -23.55 -31.02
N ASN B 467 -19.60 -23.06 -31.28
CA ASN B 467 -18.43 -23.65 -30.62
C ASN B 467 -18.47 -23.42 -29.11
N ILE B 468 -19.01 -22.29 -28.67
CA ILE B 468 -19.15 -22.04 -27.23
C ILE B 468 -20.09 -23.06 -26.62
N ARG B 469 -21.20 -23.35 -27.29
CA ARG B 469 -22.12 -24.38 -26.80
C ARG B 469 -21.44 -25.73 -26.70
N GLU B 470 -20.58 -26.06 -27.66
CA GLU B 470 -19.85 -27.32 -27.60
C GLU B 470 -18.80 -27.30 -26.50
N ALA B 471 -18.13 -26.16 -26.30
CA ALA B 471 -17.12 -26.06 -25.26
C ALA B 471 -17.76 -26.13 -23.87
N ARG B 472 -18.93 -25.52 -23.71
CA ARG B 472 -19.60 -25.58 -22.41
C ARG B 472 -20.19 -26.95 -22.13
N TYR B 473 -20.65 -27.66 -23.18
CA TYR B 473 -21.04 -29.05 -23.01
C TYR B 473 -19.84 -29.92 -22.65
N GLU B 474 -18.66 -29.57 -23.14
CA GLU B 474 -17.46 -30.37 -22.86
C GLU B 474 -16.99 -30.16 -21.43
N GLN B 475 -16.95 -28.91 -20.97
CA GLN B 475 -16.51 -28.63 -19.61
C GLN B 475 -17.50 -29.14 -18.56
N GLN B 476 -18.78 -29.31 -18.94
CA GLN B 476 -19.75 -29.85 -17.99
C GLN B 476 -19.56 -31.35 -17.77
N LEU B 477 -19.00 -32.05 -18.75
CA LEU B 477 -18.77 -33.48 -18.61
C LEU B 477 -17.39 -33.84 -18.05
N LYS B 478 -16.43 -32.94 -18.17
CA LYS B 478 -15.09 -33.19 -17.64
C LYS B 478 -14.97 -32.80 -16.18
N PHE C 25 13.84 17.39 8.27
CA PHE C 25 14.29 16.45 9.30
C PHE C 25 15.73 16.03 9.08
N ARG C 26 16.46 15.85 10.17
CA ARG C 26 17.87 15.48 10.14
C ARG C 26 18.03 14.00 10.50
N TYR C 27 18.68 13.25 9.61
CA TYR C 27 18.92 11.83 9.83
C TYR C 27 20.23 11.68 10.60
N MET C 28 20.12 11.43 11.92
CA MET C 28 21.29 11.33 12.77
C MET C 28 21.68 9.87 12.98
N PRO C 29 22.98 9.58 12.97
CA PRO C 29 23.43 8.19 13.17
C PRO C 29 23.05 7.68 14.55
N PHE C 30 22.33 6.56 14.56
CA PHE C 30 21.76 6.01 15.78
C PHE C 30 22.42 4.68 16.15
N SER C 31 22.54 4.45 17.45
CA SER C 31 23.00 3.18 18.00
C SER C 31 22.30 2.98 19.33
N PRO C 32 22.06 1.73 19.73
CA PRO C 32 21.32 1.48 20.98
C PRO C 32 22.05 2.05 22.20
N ALA C 33 21.31 2.86 22.97
CA ALA C 33 21.81 3.44 24.22
C ALA C 33 23.08 4.26 24.01
N GLY C 34 23.13 5.00 22.90
CA GLY C 34 24.27 5.85 22.62
C GLY C 34 24.18 7.18 23.35
N THR C 35 25.35 7.72 23.67
CA THR C 35 25.46 9.00 24.35
C THR C 35 26.20 10.01 23.46
N PRO C 36 25.88 11.29 23.58
CA PRO C 36 26.56 12.30 22.78
C PRO C 36 27.88 12.72 23.42
N PHE C 37 28.68 13.45 22.63
CA PHE C 37 29.93 13.99 23.14
C PHE C 37 29.69 15.07 24.20
N GLY C 38 28.67 15.90 23.98
CA GLY C 38 28.50 17.05 24.85
C GLY C 38 29.68 17.98 24.73
N PHE C 39 30.12 18.51 25.87
CA PHE C 39 31.30 19.34 25.92
C PHE C 39 32.57 18.55 26.18
N THR C 40 32.45 17.25 26.45
CA THR C 40 33.61 16.40 26.69
C THR C 40 34.22 15.96 25.36
N ASP C 41 35.29 15.16 25.45
CA ASP C 41 35.95 14.60 24.28
C ASP C 41 35.77 13.09 24.19
N ARG C 42 34.71 12.56 24.79
CA ARG C 42 34.47 11.13 24.77
C ARG C 42 32.97 10.88 24.95
N ARG C 43 32.52 9.76 24.41
CA ARG C 43 31.11 9.37 24.51
C ARG C 43 31.01 7.86 24.38
N TYR C 44 29.78 7.35 24.43
CA TYR C 44 29.51 5.94 24.26
C TYR C 44 28.88 5.70 22.89
N LEU C 45 29.46 4.77 22.13
CA LEU C 45 28.88 4.39 20.84
C LEU C 45 27.60 3.61 21.06
N THR C 46 27.71 2.39 21.60
CA THR C 46 26.55 1.57 21.95
C THR C 46 26.73 1.04 23.37
N MET C 47 25.69 0.36 23.85
CA MET C 47 25.63 -0.07 25.24
C MET C 47 24.42 -1.00 25.47
N ASN C 48 24.67 -2.22 25.93
CA ASN C 48 23.55 -3.13 26.20
C ASN C 48 23.99 -4.09 27.31
N GLU C 49 23.26 -5.20 27.45
CA GLU C 49 23.54 -6.16 28.52
C GLU C 49 24.89 -6.84 28.35
N VAL C 50 25.48 -6.78 27.16
CA VAL C 50 26.77 -7.41 26.93
C VAL C 50 27.90 -6.52 27.42
N GLY C 51 27.79 -5.22 27.20
CA GLY C 51 28.84 -4.32 27.64
C GLY C 51 28.61 -2.92 27.09
N TYR C 52 29.69 -2.15 27.07
CA TYR C 52 29.63 -0.75 26.66
C TYR C 52 30.84 -0.41 25.80
N VAL C 53 30.59 0.29 24.70
CA VAL C 53 31.62 0.68 23.76
C VAL C 53 31.73 2.20 23.79
N SER C 54 32.93 2.71 24.04
CA SER C 54 33.18 4.14 24.14
C SER C 54 34.29 4.54 23.18
N THR C 55 34.27 5.82 22.78
CA THR C 55 35.25 6.37 21.86
C THR C 55 35.72 7.73 22.38
N VAL C 56 37.02 7.97 22.28
CA VAL C 56 37.65 9.17 22.83
C VAL C 56 38.38 9.90 21.70
N LYS C 57 38.18 11.21 21.62
CA LYS C 57 38.92 12.02 20.66
C LYS C 57 40.37 12.16 21.10
N ASN C 58 41.29 11.79 20.22
CA ASN C 58 42.71 11.90 20.49
C ASN C 58 43.26 13.16 19.82
N SER C 59 44.58 13.18 19.58
CA SER C 59 45.18 14.31 18.89
C SER C 59 44.58 14.49 17.50
N GLU C 60 44.47 13.40 16.76
CA GLU C 60 43.88 13.43 15.42
C GLU C 60 42.85 12.33 15.21
N GLN C 61 43.09 11.14 15.76
CA GLN C 61 42.24 9.99 15.54
C GLN C 61 41.32 9.77 16.75
N TYR C 62 40.79 8.56 16.88
CA TYR C 62 39.91 8.20 17.99
C TYR C 62 40.44 6.93 18.66
N SER C 63 39.95 6.69 19.87
CA SER C 63 40.34 5.51 20.65
C SER C 63 39.07 4.81 21.11
N ILE C 64 38.73 3.70 20.47
CA ILE C 64 37.52 2.94 20.79
C ILE C 64 37.87 1.86 21.81
N THR C 65 37.03 1.73 22.83
CA THR C 65 37.23 0.74 23.88
C THR C 65 35.97 -0.10 24.01
N VAL C 66 36.13 -1.42 23.95
CA VAL C 66 35.01 -2.35 24.05
C VAL C 66 35.15 -3.10 25.37
N SER C 67 34.26 -2.82 26.31
CA SER C 67 34.26 -3.43 27.63
C SER C 67 33.03 -4.30 27.80
N PHE C 68 33.10 -5.20 28.79
CA PHE C 68 32.04 -6.16 29.04
C PHE C 68 31.69 -6.17 30.52
N PHE C 69 30.46 -6.60 30.80
CA PHE C 69 30.00 -6.68 32.18
C PHE C 69 30.43 -8.00 32.83
N ASP C 70 30.40 -9.10 32.07
CA ASP C 70 30.93 -10.38 32.53
C ASP C 70 32.40 -10.44 32.13
N VAL C 71 33.25 -9.84 32.96
CA VAL C 71 34.67 -9.77 32.67
C VAL C 71 35.30 -11.16 32.66
N GLY C 72 34.70 -12.13 33.33
CA GLY C 72 35.18 -13.49 33.29
C GLY C 72 34.79 -14.28 32.06
N ARG C 73 34.28 -13.62 31.03
CA ARG C 73 33.84 -14.29 29.81
C ARG C 73 34.43 -13.69 28.55
N PHE C 74 34.51 -12.37 28.46
CA PHE C 74 35.04 -11.71 27.26
C PHE C 74 36.24 -10.85 27.63
N ARG C 75 37.22 -10.81 26.73
CA ARG C 75 38.42 -10.00 26.91
C ARG C 75 38.14 -8.58 26.46
N GLU C 76 38.27 -7.61 27.38
CA GLU C 76 38.21 -6.21 26.99
C GLU C 76 39.40 -5.87 26.10
N TYR C 77 39.17 -4.98 25.14
CA TYR C 77 40.23 -4.57 24.23
C TYR C 77 39.98 -3.13 23.77
N HIS C 78 40.93 -2.61 23.02
CA HIS C 78 40.85 -1.25 22.49
C HIS C 78 41.73 -1.15 21.26
N PHE C 79 41.37 -0.22 20.37
CA PHE C 79 42.15 0.01 19.16
C PHE C 79 42.04 1.47 18.77
N GLU C 80 42.91 1.89 17.85
CA GLU C 80 42.91 3.24 17.34
C GLU C 80 41.98 3.34 16.12
N ASP C 81 41.06 4.28 16.18
CA ASP C 81 40.05 4.46 15.12
C ASP C 81 40.56 5.55 14.18
N LEU C 82 41.08 5.13 13.03
CA LEU C 82 41.54 6.06 12.01
C LEU C 82 40.41 6.62 11.17
N PHE C 83 39.22 6.02 11.23
CA PHE C 83 38.10 6.42 10.39
C PHE C 83 37.05 7.23 11.14
N GLY C 84 37.03 7.18 12.46
CA GLY C 84 36.08 7.94 13.24
C GLY C 84 34.68 7.38 13.21
N TYR C 85 34.52 6.13 13.64
CA TYR C 85 33.21 5.49 13.63
C TYR C 85 32.25 6.24 14.55
N ASP C 86 30.98 6.33 14.13
CA ASP C 86 29.92 6.92 14.94
C ASP C 86 28.72 5.98 15.04
N LEU C 87 28.90 4.71 14.69
CA LEU C 87 27.84 3.72 14.72
C LEU C 87 28.41 2.42 15.29
N CYS C 88 27.64 1.78 16.17
CA CYS C 88 28.11 0.55 16.78
C CYS C 88 26.92 -0.30 17.21
N PHE C 89 27.15 -1.61 17.25
CA PHE C 89 26.18 -2.59 17.75
C PHE C 89 26.97 -3.71 18.40
N LEU C 90 26.41 -4.27 19.48
CA LEU C 90 27.14 -5.22 20.31
C LEU C 90 26.26 -6.44 20.57
N ASN C 91 26.76 -7.62 20.19
CA ASN C 91 26.10 -8.89 20.50
C ASN C 91 27.05 -9.76 21.31
N GLU C 92 26.63 -11.00 21.55
CA GLU C 92 27.40 -11.92 22.39
C GLU C 92 28.54 -12.60 21.64
N LYS C 93 28.76 -12.27 20.37
CA LYS C 93 29.82 -12.89 19.58
C LYS C 93 30.81 -11.90 19.00
N GLY C 94 30.39 -10.68 18.70
CA GLY C 94 31.29 -9.70 18.12
C GLY C 94 30.74 -8.31 18.25
N THR C 95 31.51 -7.35 17.73
CA THR C 95 31.14 -5.94 17.76
C THR C 95 31.14 -5.40 16.34
N LEU C 96 30.05 -4.75 15.94
CA LEU C 96 29.93 -4.17 14.62
C LEU C 96 30.11 -2.66 14.71
N PHE C 97 30.99 -2.12 13.88
CA PHE C 97 31.24 -0.69 13.83
C PHE C 97 30.81 -0.12 12.49
N GLY C 98 30.54 1.17 12.48
CA GLY C 98 30.13 1.83 11.25
C GLY C 98 30.37 3.33 11.21
N GLN C 99 30.71 3.84 10.03
CA GLN C 99 30.89 5.26 9.79
C GLN C 99 29.75 5.76 8.91
N SER C 100 29.01 6.77 9.39
CA SER C 100 27.79 7.20 8.72
C SER C 100 28.04 7.95 7.43
N LYS C 101 29.24 8.52 7.24
CA LYS C 101 29.49 9.35 6.06
C LYS C 101 30.34 8.67 5.00
N THR C 102 31.40 7.97 5.40
CA THR C 102 32.20 7.25 4.40
C THR C 102 31.60 5.89 4.04
N GLY C 103 30.58 5.44 4.76
CA GLY C 103 29.98 4.15 4.46
C GLY C 103 30.86 2.97 4.77
N GLN C 104 31.83 3.12 5.67
CA GLN C 104 32.73 2.04 6.04
C GLN C 104 32.22 1.37 7.31
N ILE C 105 32.22 0.04 7.31
CA ILE C 105 31.81 -0.76 8.45
C ILE C 105 32.95 -1.71 8.80
N GLN C 106 32.85 -2.32 9.98
CA GLN C 106 33.83 -3.30 10.42
C GLN C 106 33.22 -4.17 11.51
N TYR C 107 33.44 -5.48 11.40
CA TYR C 107 32.98 -6.44 12.38
C TYR C 107 34.18 -7.07 13.06
N ARG C 108 34.20 -7.01 14.40
CA ARG C 108 35.28 -7.59 15.18
C ARG C 108 34.73 -8.66 16.10
N PRO C 109 34.94 -9.94 15.79
CA PRO C 109 34.50 -10.99 16.71
C PRO C 109 35.26 -10.93 18.02
N HIS C 110 34.57 -11.32 19.10
CA HIS C 110 35.19 -11.28 20.42
C HIS C 110 36.34 -12.26 20.53
N ASP C 111 36.25 -13.41 19.86
CA ASP C 111 37.29 -14.41 19.90
C ASP C 111 38.31 -14.16 18.79
N SER C 112 39.59 -14.32 19.13
CA SER C 112 40.65 -14.13 18.14
C SER C 112 40.69 -15.23 17.09
N ILE C 113 39.92 -16.31 17.28
CA ILE C 113 39.89 -17.38 16.30
C ILE C 113 39.28 -16.89 14.99
N HIS C 114 38.31 -15.99 15.06
CA HIS C 114 37.68 -15.41 13.88
C HIS C 114 38.38 -14.11 13.50
N SER C 115 38.49 -13.86 12.20
CA SER C 115 39.19 -12.70 11.70
C SER C 115 38.27 -11.49 11.64
N ASN C 116 38.84 -10.32 11.90
CA ASN C 116 38.13 -9.07 11.65
C ASN C 116 38.01 -8.86 10.14
N TRP C 117 36.89 -8.30 9.71
CA TRP C 117 36.68 -7.99 8.30
C TRP C 117 36.12 -6.58 8.15
N THR C 118 36.46 -5.95 7.04
CA THR C 118 36.09 -4.58 6.74
C THR C 118 35.46 -4.52 5.35
N LYS C 119 34.46 -3.65 5.19
CA LYS C 119 33.74 -3.51 3.95
C LYS C 119 33.14 -2.11 3.89
N ILE C 120 33.09 -1.54 2.68
CA ILE C 120 32.58 -0.19 2.47
C ILE C 120 31.23 -0.28 1.79
N ILE C 121 30.25 0.43 2.34
CA ILE C 121 28.87 0.45 1.83
C ILE C 121 28.75 1.53 0.77
N PRO C 122 28.14 1.23 -0.38
CA PRO C 122 27.89 2.30 -1.38
C PRO C 122 26.88 3.30 -0.85
N LEU C 123 27.26 4.58 -0.87
CA LEU C 123 26.39 5.66 -0.44
C LEU C 123 26.29 6.70 -1.56
N GLN C 124 25.07 7.08 -1.90
CA GLN C 124 24.84 8.07 -2.95
C GLN C 124 25.13 9.47 -2.40
N ALA C 125 24.69 10.48 -3.14
CA ALA C 125 24.89 11.86 -2.70
C ALA C 125 23.99 12.16 -1.50
N GLY C 126 24.61 12.54 -0.38
CA GLY C 126 23.85 12.85 0.81
C GLY C 126 23.25 11.66 1.52
N GLU C 127 23.61 10.45 1.11
CA GLU C 127 23.12 9.23 1.76
C GLU C 127 24.03 8.89 2.94
N ARG C 128 23.42 8.66 4.10
CA ARG C 128 24.15 8.36 5.33
C ARG C 128 23.64 7.04 5.90
N ILE C 129 24.56 6.23 6.43
CA ILE C 129 24.15 5.08 7.22
C ILE C 129 23.57 5.59 8.53
N THR C 130 22.33 5.19 8.83
CA THR C 130 21.65 5.66 10.02
C THR C 130 21.71 4.69 11.19
N SER C 131 21.82 3.39 10.92
CA SER C 131 21.84 2.41 11.99
C SER C 131 22.42 1.11 11.46
N VAL C 132 23.13 0.39 12.33
CA VAL C 132 23.65 -0.93 12.02
C VAL C 132 23.27 -1.88 13.14
N ALA C 133 23.30 -3.18 12.82
CA ALA C 133 22.97 -4.20 13.80
C ALA C 133 23.63 -5.50 13.36
N ALA C 134 23.81 -6.40 14.32
CA ALA C 134 24.48 -7.66 14.04
C ALA C 134 23.98 -8.74 14.99
N THR C 135 24.05 -9.98 14.51
CA THR C 135 23.76 -11.19 15.27
C THR C 135 24.90 -12.16 15.00
N PRO C 136 24.90 -13.36 15.59
CA PRO C 136 25.91 -14.36 15.18
C PRO C 136 25.83 -14.78 13.73
N VAL C 137 24.76 -14.44 13.00
CA VAL C 137 24.59 -14.97 11.66
C VAL C 137 24.28 -13.89 10.63
N ARG C 138 23.92 -12.69 11.09
CA ARG C 138 23.51 -11.64 10.18
C ARG C 138 24.14 -10.30 10.57
N VAL C 139 24.34 -9.46 9.57
CA VAL C 139 24.86 -8.11 9.73
C VAL C 139 23.98 -7.19 8.90
N ILE C 140 23.39 -6.18 9.55
CA ILE C 140 22.40 -5.30 8.93
C ILE C 140 22.95 -3.89 8.85
N VAL C 141 22.73 -3.23 7.71
CA VAL C 141 23.07 -1.83 7.52
C VAL C 141 21.87 -1.13 6.90
N GLY C 142 21.49 0.00 7.47
CA GLY C 142 20.38 0.79 6.95
C GLY C 142 20.81 2.22 6.72
N THR C 143 20.25 2.80 5.66
CA THR C 143 20.62 4.13 5.22
C THR C 143 19.44 5.08 5.32
N SER C 144 19.74 6.37 5.21
CA SER C 144 18.72 7.42 5.23
C SER C 144 17.85 7.42 3.99
N LEU C 145 18.25 6.72 2.93
CA LEU C 145 17.45 6.62 1.71
C LEU C 145 16.61 5.36 1.65
N GLY C 146 16.70 4.50 2.65
CA GLY C 146 15.89 3.30 2.70
C GLY C 146 16.56 2.03 2.23
N TYR C 147 17.88 2.01 2.10
CA TYR C 147 18.59 0.81 1.68
C TYR C 147 18.76 -0.13 2.87
N PHE C 148 18.51 -1.41 2.63
CA PHE C 148 18.59 -2.46 3.63
C PHE C 148 19.59 -3.50 3.12
N ARG C 149 20.84 -3.37 3.54
CA ARG C 149 21.92 -4.24 3.08
C ARG C 149 22.25 -5.25 4.17
N SER C 150 22.04 -6.52 3.88
CA SER C 150 22.24 -7.60 4.82
C SER C 150 23.40 -8.49 4.40
N PHE C 151 24.14 -8.99 5.38
CA PHE C 151 25.31 -9.83 5.16
C PHE C 151 25.31 -10.93 6.22
N ASN C 152 26.24 -11.87 6.08
CA ASN C 152 26.46 -12.87 7.11
C ASN C 152 27.59 -12.40 8.03
N GLN C 153 27.93 -13.22 9.02
CA GLN C 153 28.93 -12.82 10.01
C GLN C 153 30.34 -12.74 9.43
N PHE C 154 30.52 -13.02 8.14
CA PHE C 154 31.82 -12.91 7.49
C PHE C 154 31.85 -11.86 6.39
N GLY C 155 30.73 -11.16 6.14
CA GLY C 155 30.68 -10.07 5.19
C GLY C 155 30.04 -10.41 3.86
N VAL C 156 29.71 -11.68 3.61
CA VAL C 156 29.14 -12.08 2.32
C VAL C 156 27.74 -11.46 2.18
N PRO C 157 27.50 -10.70 1.13
CA PRO C 157 26.17 -10.06 0.98
C PRO C 157 25.11 -11.06 0.57
N PHE C 158 23.90 -10.85 1.07
CA PHE C 158 22.77 -11.73 0.77
C PHE C 158 21.69 -11.06 -0.06
N ALA C 159 21.36 -9.81 0.21
CA ALA C 159 20.37 -9.09 -0.56
C ALA C 159 20.50 -7.59 -0.29
N VAL C 160 20.16 -6.81 -1.30
CA VAL C 160 20.03 -5.35 -1.18
C VAL C 160 18.58 -5.01 -1.41
N GLU C 161 17.94 -4.43 -0.39
CA GLU C 161 16.51 -4.15 -0.40
C GLU C 161 16.27 -2.66 -0.25
N LYS C 162 15.23 -2.18 -0.94
CA LYS C 162 14.81 -0.78 -0.86
C LYS C 162 13.54 -0.68 -0.03
N THR C 163 13.60 0.06 1.08
CA THR C 163 12.43 0.30 1.92
C THR C 163 12.29 1.79 2.21
N SER C 164 11.44 2.12 3.20
CA SER C 164 11.34 3.49 3.66
C SER C 164 12.64 3.90 4.36
N PRO C 165 12.91 5.19 4.49
CA PRO C 165 14.13 5.64 5.16
C PRO C 165 14.24 5.05 6.56
N ILE C 166 15.38 4.42 6.83
CA ILE C 166 15.62 3.73 8.09
C ILE C 166 16.26 4.70 9.07
N VAL C 167 15.80 4.67 10.32
CA VAL C 167 16.38 5.49 11.37
C VAL C 167 16.88 4.67 12.56
N ALA C 168 16.38 3.46 12.77
CA ALA C 168 16.83 2.63 13.89
C ALA C 168 16.73 1.16 13.49
N LEU C 169 17.75 0.39 13.89
CA LEU C 169 17.81 -1.03 13.57
C LEU C 169 18.24 -1.82 14.79
N THR C 170 17.69 -3.03 14.92
CA THR C 170 18.11 -3.99 15.93
C THR C 170 17.73 -5.37 15.43
N ALA C 171 18.44 -6.39 15.94
CA ALA C 171 18.27 -7.74 15.42
C ALA C 171 18.50 -8.75 16.52
N GLN C 172 18.00 -9.97 16.28
CA GLN C 172 18.17 -11.09 17.20
C GLN C 172 18.01 -12.37 16.40
N ASN C 173 19.04 -13.22 16.42
CA ASN C 173 19.06 -14.44 15.62
C ASN C 173 18.82 -14.14 14.15
N TYR C 174 17.62 -14.46 13.66
CA TYR C 174 17.25 -14.14 12.29
C TYR C 174 16.17 -13.06 12.20
N ARG C 175 15.62 -12.62 13.33
CA ARG C 175 14.64 -11.54 13.34
C ARG C 175 15.33 -10.19 13.23
N VAL C 176 14.63 -9.24 12.62
CA VAL C 176 15.11 -7.86 12.48
C VAL C 176 13.95 -6.92 12.77
N PHE C 177 14.20 -5.94 13.64
CA PHE C 177 13.21 -4.92 14.01
C PHE C 177 13.75 -3.58 13.54
N SER C 178 13.08 -2.98 12.55
CA SER C 178 13.54 -1.75 11.93
C SER C 178 12.53 -0.63 12.16
N VAL C 179 13.02 0.56 12.47
CA VAL C 179 12.21 1.75 12.65
C VAL C 179 12.46 2.66 11.44
N HIS C 180 11.40 3.01 10.73
CA HIS C 180 11.49 3.84 9.54
C HIS C 180 10.80 5.18 9.78
N TYR C 181 11.20 6.18 8.99
CA TYR C 181 10.58 7.50 9.02
C TYR C 181 10.04 7.83 7.64
N SER C 182 8.77 8.20 7.58
CA SER C 182 8.12 8.64 6.35
C SER C 182 7.85 10.14 6.43
N GLN C 183 7.85 10.79 5.26
CA GLN C 183 7.53 12.22 5.22
C GLN C 183 6.09 12.48 5.62
N PHE C 184 5.21 11.51 5.46
CA PHE C 184 3.77 11.71 5.68
C PHE C 184 3.36 11.35 7.10
N HIS C 185 3.13 10.06 7.35
CA HIS C 185 2.57 9.62 8.63
C HIS C 185 3.62 9.52 9.74
N GLY C 186 4.86 9.90 9.48
CA GLY C 186 5.87 9.93 10.52
C GLY C 186 6.59 8.62 10.75
N LEU C 187 6.77 8.25 12.02
CA LEU C 187 7.54 7.07 12.37
C LEU C 187 6.72 5.81 12.20
N SER C 188 7.39 4.73 11.79
CA SER C 188 6.79 3.43 11.62
C SER C 188 7.83 2.36 11.96
N TYR C 189 7.35 1.14 12.12
CA TYR C 189 8.23 0.02 12.45
C TYR C 189 7.93 -1.17 11.54
N SER C 190 8.95 -1.97 11.28
CA SER C 190 8.82 -3.21 10.53
C SER C 190 9.52 -4.33 11.28
N LEU C 191 9.03 -5.55 11.07
CA LEU C 191 9.55 -6.73 11.74
C LEU C 191 9.62 -7.88 10.75
N SER C 192 10.77 -8.54 10.66
CA SER C 192 10.98 -9.53 9.63
C SER C 192 12.03 -10.54 10.07
N GLU C 193 11.92 -11.75 9.52
CA GLU C 193 12.86 -12.84 9.75
C GLU C 193 13.68 -13.05 8.50
N LEU C 194 15.00 -13.00 8.63
CA LEU C 194 15.91 -13.21 7.50
C LEU C 194 16.30 -14.68 7.39
N GLY C 195 15.30 -15.56 7.33
CA GLY C 195 15.57 -16.98 7.27
C GLY C 195 16.35 -17.38 6.03
N THR C 196 16.91 -18.59 6.08
CA THR C 196 17.68 -19.11 4.94
C THR C 196 16.82 -19.27 3.69
N SER C 197 15.51 -19.42 3.85
CA SER C 197 14.60 -19.49 2.71
C SER C 197 14.51 -18.13 2.04
N SER C 198 13.74 -17.21 2.65
CA SER C 198 13.61 -15.86 2.13
C SER C 198 13.11 -14.97 3.25
N LYS C 199 13.35 -13.67 3.10
CA LYS C 199 12.92 -12.70 4.10
C LYS C 199 11.39 -12.65 4.17
N ARG C 200 10.87 -12.77 5.39
CA ARG C 200 9.44 -12.78 5.64
C ARG C 200 9.08 -11.66 6.60
N TYR C 201 8.15 -10.80 6.19
CA TYR C 201 7.69 -9.68 7.00
C TYR C 201 6.48 -10.10 7.84
N TYR C 202 6.57 -9.88 9.14
CA TYR C 202 5.42 -10.05 10.02
C TYR C 202 4.59 -8.79 10.10
N LYS C 203 5.25 -7.64 10.29
CA LYS C 203 4.62 -6.33 10.26
C LYS C 203 5.38 -5.47 9.26
N ARG C 204 4.66 -4.69 8.46
CA ARG C 204 5.25 -3.89 7.39
C ARG C 204 4.85 -2.43 7.57
N GLU C 205 5.73 -1.66 8.19
CA GLU C 205 5.56 -0.21 8.37
C GLU C 205 4.21 0.10 9.01
N CYS C 206 4.00 -0.49 10.19
CA CYS C 206 2.85 -0.23 11.03
C CYS C 206 3.12 0.99 11.91
N PRO C 207 2.07 1.60 12.48
CA PRO C 207 2.28 2.78 13.33
C PRO C 207 3.17 2.45 14.53
N LEU C 208 4.03 3.41 14.88
CA LEU C 208 4.86 3.29 16.06
C LEU C 208 4.26 4.17 17.16
N PRO C 209 3.66 3.58 18.21
CA PRO C 209 2.93 4.40 19.19
C PRO C 209 3.84 5.10 20.19
N MET C 210 5.12 5.29 19.83
CA MET C 210 6.06 5.93 20.72
C MET C 210 5.79 7.43 20.80
N SER C 211 6.15 8.01 21.94
CA SER C 211 5.95 9.44 22.17
C SER C 211 7.20 10.20 21.75
N LEU C 212 7.03 11.12 20.79
CA LEU C 212 8.13 11.93 20.31
C LEU C 212 8.56 12.93 21.39
N PRO C 213 9.81 13.42 21.31
CA PRO C 213 10.27 14.38 22.32
C PRO C 213 9.45 15.67 22.30
N ASN C 214 9.37 16.31 23.47
CA ASN C 214 8.59 17.53 23.64
C ASN C 214 9.23 18.70 22.88
N ASP C 222 17.58 24.44 27.74
CA ASP C 222 17.58 23.15 28.43
C ASP C 222 19.00 22.60 28.56
N ALA C 223 19.25 21.84 29.63
CA ALA C 223 20.58 21.26 29.83
C ALA C 223 20.78 20.02 28.97
N ASN C 224 19.75 19.20 28.82
CA ASN C 224 19.82 17.99 27.99
C ASN C 224 19.51 18.27 26.52
N LEU C 225 19.74 19.50 26.05
CA LEU C 225 19.49 19.80 24.65
C LEU C 225 20.57 19.21 23.74
N ASP C 226 21.74 18.90 24.28
CA ASP C 226 22.78 18.24 23.47
C ASP C 226 22.34 16.84 23.05
N TYR C 227 21.56 16.16 23.89
CA TYR C 227 21.14 14.79 23.57
C TYR C 227 20.13 14.77 22.43
N TYR C 228 19.07 15.57 22.55
CA TYR C 228 17.99 15.53 21.56
C TYR C 228 18.41 16.08 20.20
N ASN C 229 19.61 16.65 20.10
CA ASN C 229 20.22 16.91 18.80
C ASN C 229 21.00 15.69 18.31
N PHE C 230 21.59 14.92 19.21
CA PHE C 230 22.25 13.69 18.83
C PHE C 230 21.24 12.60 18.48
N ASN C 231 20.03 12.70 19.03
CA ASN C 231 18.95 11.75 18.73
C ASN C 231 17.65 12.52 18.69
N PRO C 232 17.26 13.01 17.51
CA PRO C 232 16.02 13.80 17.43
C PRO C 232 14.76 13.00 17.66
N MET C 233 14.79 11.69 17.39
CA MET C 233 13.61 10.86 17.54
C MET C 233 13.40 10.36 18.96
N GLY C 234 14.29 10.69 19.89
CA GLY C 234 14.10 10.36 21.29
C GLY C 234 14.14 8.88 21.61
N ILE C 235 14.49 8.03 20.67
CA ILE C 235 14.59 6.59 20.91
C ILE C 235 15.91 6.34 21.64
N LYS C 236 15.84 6.19 22.96
CA LYS C 236 17.06 5.99 23.74
C LYS C 236 17.73 4.67 23.39
N SER C 237 16.95 3.59 23.29
CA SER C 237 17.49 2.30 22.88
C SER C 237 16.32 1.41 22.46
N LEU C 238 16.65 0.35 21.72
CA LEU C 238 15.65 -0.62 21.31
C LEU C 238 16.34 -1.97 21.13
N PHE C 239 15.59 -3.04 21.39
CA PHE C 239 16.17 -4.38 21.43
C PHE C 239 15.04 -5.40 21.44
N PHE C 240 15.42 -6.66 21.25
CA PHE C 240 14.51 -7.78 21.44
C PHE C 240 14.58 -8.25 22.89
N SER C 241 13.44 -8.70 23.41
CA SER C 241 13.43 -9.30 24.73
C SER C 241 14.09 -10.68 24.67
N SER C 242 14.32 -11.25 25.86
CA SER C 242 14.88 -12.59 25.92
C SER C 242 13.92 -13.66 25.41
N TYR C 243 12.65 -13.32 25.24
CA TYR C 243 11.66 -14.25 24.69
C TYR C 243 11.22 -13.88 23.28
N GLY C 244 11.92 -12.94 22.63
CA GLY C 244 11.72 -12.69 21.22
C GLY C 244 10.76 -11.60 20.85
N ASP C 245 10.49 -10.65 21.75
CA ASP C 245 9.58 -9.57 21.40
C ASP C 245 10.32 -8.25 21.26
N PRO C 246 9.96 -7.43 20.28
CA PRO C 246 10.63 -6.14 20.11
C PRO C 246 10.28 -5.17 21.22
N CYS C 247 11.26 -4.38 21.64
CA CYS C 247 11.08 -3.36 22.66
C CYS C 247 11.63 -2.03 22.16
N ILE C 248 11.14 -0.95 22.76
CA ILE C 248 11.61 0.40 22.44
C ILE C 248 11.48 1.25 23.70
N PHE C 249 12.43 2.17 23.89
CA PHE C 249 12.49 3.02 25.07
C PHE C 249 12.59 4.47 24.62
N GLY C 250 11.47 5.17 24.63
CA GLY C 250 11.42 6.53 24.14
C GLY C 250 11.88 7.54 25.17
N SER C 251 11.88 8.81 24.74
CA SER C 251 12.24 9.89 25.65
C SER C 251 11.27 10.03 26.80
N ASP C 252 10.05 9.50 26.66
CA ASP C 252 9.10 9.45 27.77
C ASP C 252 9.46 8.40 28.80
N ASN C 253 10.57 7.67 28.59
CA ASN C 253 11.12 6.74 29.58
C ASN C 253 10.11 5.66 29.96
N THR C 254 9.47 5.08 28.93
CA THR C 254 8.52 3.99 29.13
C THR C 254 8.91 2.83 28.23
N LEU C 255 9.16 1.67 28.82
CA LEU C 255 9.54 0.47 28.07
C LEU C 255 8.30 -0.09 27.40
N LEU C 256 8.23 0.04 26.08
CA LEU C 256 7.12 -0.49 25.29
C LEU C 256 7.48 -1.89 24.78
N LEU C 257 6.50 -2.79 24.85
CA LEU C 257 6.69 -4.18 24.44
C LEU C 257 5.65 -4.55 23.41
N LEU C 258 6.08 -5.13 22.30
CA LEU C 258 5.18 -5.59 21.26
C LEU C 258 4.82 -7.05 21.54
N SER C 259 3.58 -7.30 21.90
CA SER C 259 3.12 -8.64 22.24
C SER C 259 2.27 -9.22 21.11
N LYS C 260 2.39 -10.53 20.93
CA LYS C 260 1.57 -11.28 19.98
C LYS C 260 1.73 -10.72 18.57
N TRP C 261 2.98 -10.52 18.14
CA TRP C 261 3.25 -10.03 16.81
C TRP C 261 3.15 -11.11 15.74
N ARG C 262 3.27 -12.38 16.13
CA ARG C 262 3.07 -13.46 15.16
C ARG C 262 1.64 -13.51 14.65
N SER C 263 0.68 -13.07 15.47
CA SER C 263 -0.71 -12.96 15.07
C SER C 263 -1.03 -11.50 14.80
N PRO C 264 -1.10 -11.06 13.54
CA PRO C 264 -1.30 -9.63 13.26
C PRO C 264 -2.61 -9.07 13.81
N GLU C 265 -3.60 -9.91 14.07
CA GLU C 265 -4.86 -9.43 14.61
C GLU C 265 -4.76 -9.06 16.08
N GLU C 266 -3.94 -9.78 16.84
CA GLU C 266 -3.81 -9.55 18.27
C GLU C 266 -2.55 -8.76 18.63
N SER C 267 -1.89 -8.15 17.65
CA SER C 267 -0.68 -7.38 17.92
C SER C 267 -1.03 -6.15 18.75
N LYS C 268 -0.40 -6.02 19.92
CA LYS C 268 -0.62 -4.89 20.80
C LYS C 268 0.71 -4.43 21.37
N TRP C 269 0.86 -3.11 21.52
CA TRP C 269 1.98 -2.54 22.24
C TRP C 269 1.57 -2.33 23.69
N LEU C 270 2.41 -2.79 24.61
CA LEU C 270 2.09 -2.76 26.04
C LEU C 270 3.15 -1.99 26.80
N PRO C 271 2.80 -0.86 27.43
CA PRO C 271 3.77 -0.18 28.31
C PRO C 271 3.96 -0.93 29.61
N ILE C 272 4.82 -1.95 29.59
CA ILE C 272 4.98 -2.84 30.74
C ILE C 272 5.83 -2.24 31.85
N LEU C 273 6.42 -1.06 31.65
CA LEU C 273 7.24 -0.46 32.68
C LEU C 273 7.32 1.04 32.46
N ASP C 274 6.87 1.82 33.44
CA ASP C 274 7.03 3.27 33.45
C ASP C 274 8.10 3.59 34.49
N SER C 275 9.32 3.82 34.02
CA SER C 275 10.44 4.08 34.93
C SER C 275 10.24 5.37 35.73
N ASN C 276 9.36 6.26 35.28
CA ASN C 276 9.09 7.48 36.05
C ASN C 276 8.39 7.13 37.37
N MET C 277 7.50 6.13 37.35
CA MET C 277 6.79 5.75 38.57
C MET C 277 7.71 4.98 39.51
N GLU C 278 8.52 4.06 38.97
CA GLU C 278 9.36 3.22 39.83
C GLU C 278 10.42 4.03 40.56
N ILE C 279 10.96 5.07 39.91
CA ILE C 279 11.92 5.94 40.60
C ILE C 279 11.23 6.72 41.71
N TRP C 280 10.02 7.23 41.43
CA TRP C 280 9.29 7.99 42.44
C TRP C 280 8.95 7.14 43.65
N LYS C 281 8.53 5.89 43.42
CA LYS C 281 8.13 5.03 44.53
C LYS C 281 9.31 4.64 45.40
N MET C 282 10.51 4.55 44.83
CA MET C 282 11.69 4.12 45.57
C MET C 282 12.50 5.30 46.11
N SER C 283 12.04 6.53 45.91
CA SER C 283 12.62 7.71 46.53
C SER C 283 11.80 8.20 47.72
N GLY C 284 10.98 7.32 48.30
CA GLY C 284 10.09 7.68 49.38
C GLY C 284 8.83 8.41 48.95
N GLY C 285 8.82 9.00 47.75
CA GLY C 285 7.68 9.77 47.28
C GLY C 285 8.08 11.16 46.87
N LYS C 286 9.40 11.41 46.83
CA LYS C 286 9.94 12.71 46.49
C LYS C 286 10.38 12.73 45.03
N GLU C 287 9.97 13.76 44.29
CA GLU C 287 10.29 13.86 42.88
C GLU C 287 11.78 14.17 42.68
N THR C 288 12.58 13.13 42.49
CA THR C 288 14.01 13.31 42.26
C THR C 288 14.26 13.60 40.79
N THR C 289 14.89 14.74 40.51
CA THR C 289 15.26 15.13 39.16
C THR C 289 16.71 14.83 38.84
N ASP C 290 17.42 14.14 39.74
CA ASP C 290 18.80 13.74 39.52
C ASP C 290 18.94 12.27 39.16
N ILE C 291 17.83 11.54 39.05
CA ILE C 291 17.84 10.10 38.78
C ILE C 291 17.22 9.86 37.41
N HIS C 292 17.95 9.17 36.55
CA HIS C 292 17.47 8.84 35.21
C HIS C 292 17.84 7.40 34.89
N VAL C 293 17.03 6.78 34.03
CA VAL C 293 17.19 5.38 33.65
C VAL C 293 17.76 5.31 32.23
N TRP C 294 18.73 4.42 32.04
CA TRP C 294 19.33 4.20 30.73
C TRP C 294 19.20 2.72 30.38
N PRO C 295 18.37 2.35 29.40
CA PRO C 295 18.06 0.94 29.17
C PRO C 295 19.18 0.20 28.46
N LEU C 296 19.38 -1.06 28.86
CA LEU C 296 20.32 -1.96 28.20
C LEU C 296 19.63 -3.13 27.51
N ALA C 297 18.79 -3.87 28.22
CA ALA C 297 18.08 -4.99 27.64
C ALA C 297 16.92 -5.36 28.57
N LEU C 298 16.16 -6.38 28.18
CA LEU C 298 15.06 -6.90 28.97
C LEU C 298 15.25 -8.41 29.11
N ALA C 299 15.63 -8.86 30.30
CA ALA C 299 15.92 -10.26 30.56
C ALA C 299 14.72 -10.88 31.26
N TYR C 300 13.73 -11.27 30.45
CA TYR C 300 12.50 -11.91 30.93
C TYR C 300 11.74 -11.02 31.92
N ASP C 301 12.19 -10.99 33.18
CA ASP C 301 11.44 -10.33 34.24
C ASP C 301 12.08 -9.06 34.77
N THR C 302 13.34 -8.79 34.45
CA THR C 302 14.03 -7.61 34.93
C THR C 302 14.52 -6.77 33.76
N LEU C 303 14.61 -5.46 33.99
CA LEU C 303 15.10 -4.51 32.98
C LEU C 303 16.53 -4.12 33.35
N ASN C 304 17.50 -4.75 32.70
N ASN C 304 17.50 -4.74 32.69
CA ASN C 304 18.89 -4.36 32.87
CA ASN C 304 18.89 -4.36 32.89
C ASN C 304 19.09 -2.94 32.37
C ASN C 304 19.11 -2.95 32.38
N CYS C 305 19.54 -2.06 33.26
CA CYS C 305 19.65 -0.63 32.94
C CYS C 305 20.79 0.00 33.73
N ILE C 306 20.97 1.31 33.52
CA ILE C 306 21.99 2.11 34.17
C ILE C 306 21.30 3.30 34.82
N LEU C 307 21.48 3.46 36.13
CA LEU C 307 20.89 4.57 36.87
C LEU C 307 21.85 5.75 36.87
N VAL C 308 21.43 6.85 36.27
CA VAL C 308 22.28 8.02 36.04
C VAL C 308 22.04 9.03 37.14
N LYS C 309 23.13 9.56 37.71
CA LYS C 309 23.09 10.61 38.72
C LYS C 309 23.73 11.87 38.14
N GLY C 310 22.94 12.90 37.95
CA GLY C 310 23.45 14.16 37.45
C GLY C 310 22.40 14.92 36.68
N LYS C 311 22.80 16.11 36.21
CA LYS C 311 21.88 16.95 35.44
C LYS C 311 21.63 16.38 34.05
N HIS C 312 22.57 15.59 33.52
CA HIS C 312 22.42 14.98 32.20
C HIS C 312 21.68 13.66 32.31
N ILE C 313 20.76 13.42 31.37
CA ILE C 313 20.00 12.18 31.36
C ILE C 313 20.79 11.01 30.77
N TRP C 314 21.98 11.27 30.22
CA TRP C 314 22.81 10.21 29.68
C TRP C 314 23.99 9.94 30.59
N PRO C 315 24.37 8.68 30.79
CA PRO C 315 25.48 8.37 31.68
C PRO C 315 26.81 8.79 31.08
N GLU C 316 27.73 9.18 31.96
CA GLU C 316 29.07 9.57 31.52
C GLU C 316 30.12 8.61 32.08
N PHE C 317 31.33 9.10 32.33
CA PHE C 317 32.40 8.27 32.82
C PHE C 317 32.77 8.61 34.26
N PRO C 318 33.00 7.58 35.10
CA PRO C 318 32.92 6.15 34.74
C PRO C 318 31.49 5.61 34.76
N LEU C 319 31.27 4.53 34.02
CA LEU C 319 29.95 3.93 33.93
C LEU C 319 29.63 3.18 35.21
N PRO C 320 28.52 3.48 35.90
CA PRO C 320 28.20 2.77 37.13
C PRO C 320 27.82 1.32 36.89
N LEU C 321 27.59 0.57 37.97
CA LEU C 321 27.23 -0.82 37.83
C LEU C 321 25.81 -0.94 37.29
N PRO C 322 25.54 -1.95 36.45
CA PRO C 322 24.18 -2.12 35.93
C PRO C 322 23.21 -2.50 37.03
N SER C 323 22.02 -1.90 36.98
CA SER C 323 20.93 -2.21 37.88
C SER C 323 19.88 -3.04 37.17
N GLU C 324 18.96 -3.60 37.94
CA GLU C 324 17.85 -4.38 37.41
C GLU C 324 16.56 -3.84 37.99
N MET C 325 15.64 -3.44 37.11
CA MET C 325 14.35 -2.90 37.49
C MET C 325 13.27 -3.93 37.14
N GLU C 326 12.48 -4.31 38.13
CA GLU C 326 11.45 -5.33 37.93
C GLU C 326 10.34 -4.81 37.04
N ILE C 327 9.60 -5.74 36.45
CA ILE C 327 8.50 -5.39 35.55
C ILE C 327 7.19 -5.29 36.34
N VAL D 6 28.33 -4.61 -25.36
CA VAL D 6 29.50 -3.85 -25.78
C VAL D 6 29.07 -2.57 -26.49
N LYS D 7 27.89 -2.60 -27.11
CA LYS D 7 27.42 -1.45 -27.87
C LYS D 7 27.09 -0.26 -26.97
N ILE D 8 26.63 -0.51 -25.74
CA ILE D 8 26.30 0.60 -24.86
C ILE D 8 27.56 1.29 -24.35
N GLN D 9 28.60 0.51 -24.03
CA GLN D 9 29.86 1.11 -23.59
C GLN D 9 30.46 1.96 -24.70
N GLU D 10 30.26 1.59 -25.95
CA GLU D 10 30.68 2.43 -27.07
C GLU D 10 29.84 3.70 -27.14
N THR D 11 28.53 3.58 -26.91
CA THR D 11 27.65 4.75 -26.99
C THR D 11 27.97 5.77 -25.90
N ILE D 12 28.20 5.31 -24.68
CA ILE D 12 28.54 6.23 -23.59
C ILE D 12 29.91 6.84 -23.82
N ARG D 13 30.86 6.05 -24.36
CA ARG D 13 32.16 6.60 -24.70
C ARG D 13 32.06 7.69 -25.76
N LYS D 14 31.17 7.53 -26.74
CA LYS D 14 30.97 8.58 -27.73
C LYS D 14 30.30 9.80 -27.09
N LEU D 15 29.32 9.56 -26.22
CA LEU D 15 28.62 10.64 -25.52
C LEU D 15 29.44 11.26 -24.40
N ASN D 16 30.45 10.54 -23.90
CA ASN D 16 31.25 11.00 -22.76
C ASN D 16 31.90 12.35 -23.04
N ARG D 17 32.79 12.41 -24.03
CA ARG D 17 33.45 13.66 -24.35
C ARG D 17 33.30 14.00 -25.83
N VAL E 6 -41.10 5.45 -11.09
CA VAL E 6 -41.73 6.47 -11.92
C VAL E 6 -42.21 7.63 -11.06
N LYS E 7 -42.55 7.31 -9.81
CA LYS E 7 -43.07 8.32 -8.89
C LYS E 7 -42.01 9.34 -8.49
N ILE E 8 -40.73 8.92 -8.44
CA ILE E 8 -39.68 9.84 -8.01
C ILE E 8 -39.42 10.91 -9.07
N GLN E 9 -39.47 10.55 -10.35
CA GLN E 9 -39.26 11.55 -11.40
C GLN E 9 -40.35 12.60 -11.40
N GLU E 10 -41.58 12.22 -11.05
CA GLU E 10 -42.66 13.20 -10.91
C GLU E 10 -42.43 14.13 -9.72
N THR E 11 -41.92 13.58 -8.61
CA THR E 11 -41.67 14.40 -7.43
C THR E 11 -40.60 15.44 -7.71
N ILE E 12 -39.52 15.06 -8.39
CA ILE E 12 -38.44 15.99 -8.70
C ILE E 12 -38.93 17.07 -9.66
N ARG E 13 -39.78 16.69 -10.62
CA ARG E 13 -40.39 17.68 -11.51
C ARG E 13 -41.22 18.69 -10.72
N LYS E 14 -41.95 18.21 -9.71
CA LYS E 14 -42.73 19.10 -8.85
C LYS E 14 -41.83 19.97 -7.98
N LEU E 15 -40.72 19.43 -7.49
CA LEU E 15 -39.86 20.23 -6.62
C LEU E 15 -39.14 21.32 -7.40
N ASN E 16 -38.81 21.08 -8.66
CA ASN E 16 -38.24 22.13 -9.50
C ASN E 16 -39.26 23.21 -9.80
N ARG E 17 -40.53 22.81 -9.97
CA ARG E 17 -41.60 23.70 -10.41
C ARG E 17 -42.06 24.64 -9.30
N ILE F 8 17.96 -2.81 43.98
CA ILE F 8 17.78 -1.53 43.30
C ILE F 8 17.33 -0.46 44.30
N GLN F 9 16.64 -0.91 45.35
CA GLN F 9 16.21 0.03 46.40
C GLN F 9 17.41 0.63 47.13
N GLU F 10 18.51 -0.12 47.24
CA GLU F 10 19.70 0.39 47.89
C GLU F 10 20.48 1.34 46.99
N THR F 11 20.40 1.15 45.67
CA THR F 11 21.12 2.04 44.76
C THR F 11 20.49 3.43 44.75
N ILE F 12 19.16 3.51 44.75
CA ILE F 12 18.49 4.80 44.74
C ILE F 12 18.67 5.52 46.08
N ARG F 13 18.79 4.77 47.17
CA ARG F 13 19.01 5.38 48.47
C ARG F 13 20.36 6.11 48.53
N LYS F 14 21.41 5.44 48.06
CA LYS F 14 22.74 6.05 48.07
C LYS F 14 22.86 7.19 47.07
N LEU F 15 21.99 7.24 46.07
CA LEU F 15 21.99 8.34 45.10
C LEU F 15 21.10 9.48 45.57
#